data_4LNL
#
_entry.id   4LNL
#
_cell.length_a   76.400
_cell.length_b   100.890
_cell.length_c   176.000
_cell.angle_alpha   90.00
_cell.angle_beta   90.00
_cell.angle_gamma   90.00
#
_symmetry.space_group_name_H-M   'C 2 2 21'
#
loop_
_entity.id
_entity.type
_entity.pdbx_description
1 polymer 'Low-specificity L-threonine aldolase'
2 non-polymer 'MAGNESIUM ION'
3 non-polymer N-({3-hydroxy-2-methyl-5-[(phosphonooxy)methyl]pyridin-4-yl}methyl)-L-threonine
4 non-polymer N-({3-hydroxy-2-methyl-5-[(phosphonooxy)methyl]pyridin-4-yl}methyl)-L-allothreonine
5 non-polymer '4-(2-HYDROXYETHYL)-1-PIPERAZINE ETHANESULFONIC ACID'
6 non-polymer 'CHLORIDE ION'
7 non-polymer N-GLYCINE-[3-HYDROXY-2-METHYL-5-PHOSPHONOOXYMETHYL-PYRIDIN-4-YL-METHANE]
8 water water
#
_entity_poly.entity_id   1
_entity_poly.type   'polypeptide(L)'
_entity_poly.pdbx_seq_one_letter_code
;MIDLRSDTVTRPSRAMLEAMMAAPVGDDVYGDDPTVNALQDYAAELSGKEAAIFLPTGTQANLVALLSHCERGEEYIVGQ
AAHNYLFEAGGAAVLGSIQPQPIDAAADGTLPLDKVAMKIKPDDIHFARTKLLSLENTHNGKVLPREYLKEAWEFTRKRN
LALHVDGARIFNAVVAYGCELKEITQYCDSFTICLSKGLGTPVGSLLVGNRDYIKRAIRWRKMTGGGMRQSGILAAAGMY
ALKNNVARLQEDHDNTAWMAEQLREAGADVMRQDTNMLFVRVGEENAAALGEYMKARNVLINASPIVRLVTHLDVSRAQL
AEVAAHWRAFLAR
;
_entity_poly.pdbx_strand_id   A,B
#
# COMPACT_ATOMS: atom_id res chain seq x y z
N MET A 1 34.89 14.26 13.39
CA MET A 1 33.71 15.18 13.46
C MET A 1 32.55 14.59 14.28
N ILE A 2 31.55 15.42 14.58
CA ILE A 2 30.38 14.96 15.36
C ILE A 2 29.19 14.75 14.43
N ASP A 3 28.87 13.49 14.17
CA ASP A 3 27.80 13.14 13.24
C ASP A 3 26.60 12.48 13.93
N LEU A 4 25.46 13.16 13.96
CA LEU A 4 24.26 12.58 14.56
C LEU A 4 23.19 12.31 13.52
N ARG A 5 23.61 12.15 12.26
CA ARG A 5 22.62 11.90 11.20
C ARG A 5 21.98 10.52 11.28
N SER A 6 22.80 9.53 11.58
CA SER A 6 22.34 8.16 11.67
C SER A 6 23.47 7.38 12.29
N ASP A 7 23.23 6.10 12.59
CA ASP A 7 24.28 5.24 13.15
C ASP A 7 25.00 4.51 11.99
N THR A 8 24.55 4.79 10.76
CA THR A 8 25.16 4.20 9.58
C THR A 8 26.52 4.84 9.30
N VAL A 9 26.75 6.01 9.90
CA VAL A 9 28.00 6.73 9.69
C VAL A 9 29.20 6.17 10.48
N THR A 10 28.97 5.13 11.29
CA THR A 10 30.07 4.53 12.06
C THR A 10 31.21 4.11 11.13
N ARG A 11 32.45 4.33 11.58
CA ARG A 11 33.64 3.99 10.80
C ARG A 11 34.35 2.84 11.54
N PRO A 12 35.15 2.02 10.83
CA PRO A 12 35.85 0.91 11.45
C PRO A 12 36.81 1.26 12.58
N SER A 13 36.74 0.53 13.68
CA SER A 13 37.65 0.77 14.78
C SER A 13 39.00 0.23 14.31
N ARG A 14 40.05 0.43 15.10
CA ARG A 14 41.37 -0.05 14.73
C ARG A 14 41.37 -1.57 14.75
N ALA A 15 40.74 -2.14 15.77
CA ALA A 15 40.67 -3.59 15.91
C ALA A 15 39.87 -4.23 14.75
N MET A 16 38.76 -3.61 14.36
CA MET A 16 37.97 -4.17 13.26
C MET A 16 38.81 -4.24 11.99
N LEU A 17 39.52 -3.15 11.67
CA LEU A 17 40.36 -3.12 10.47
C LEU A 17 41.41 -4.22 10.47
N GLU A 18 42.00 -4.50 11.63
CA GLU A 18 42.99 -5.58 11.72
C GLU A 18 42.34 -6.94 11.42
N ALA A 19 41.15 -7.16 11.98
CA ALA A 19 40.46 -8.42 11.75
C ALA A 19 40.19 -8.55 10.26
N MET A 20 39.81 -7.44 9.64
CA MET A 20 39.53 -7.44 8.22
C MET A 20 40.78 -7.81 7.42
N MET A 21 41.86 -7.06 7.60
CA MET A 21 43.07 -7.34 6.83
C MET A 21 43.64 -8.74 7.07
N ALA A 22 43.31 -9.35 8.20
CA ALA A 22 43.85 -10.67 8.50
C ALA A 22 42.93 -11.85 8.19
N ALA A 23 41.75 -11.58 7.63
CA ALA A 23 40.82 -12.67 7.38
C ALA A 23 41.05 -13.45 6.10
N PRO A 24 40.92 -14.78 6.18
CA PRO A 24 41.10 -15.64 5.01
C PRO A 24 39.85 -15.48 4.13
N VAL A 25 40.04 -15.44 2.81
CA VAL A 25 38.92 -15.25 1.90
C VAL A 25 38.86 -16.28 0.77
N GLY A 26 37.80 -16.19 -0.02
CA GLY A 26 37.61 -17.10 -1.14
C GLY A 26 36.51 -16.54 -2.03
N ASP A 27 36.11 -17.28 -3.04
CA ASP A 27 35.05 -16.78 -3.90
C ASP A 27 33.73 -17.19 -3.25
N ASP A 28 32.94 -16.22 -2.78
CA ASP A 28 31.67 -16.56 -2.14
C ASP A 28 30.62 -17.16 -3.08
N VAL A 29 30.68 -16.84 -4.36
CA VAL A 29 29.71 -17.40 -5.31
C VAL A 29 29.87 -18.91 -5.31
N TYR A 30 31.12 -19.36 -5.24
CA TYR A 30 31.44 -20.79 -5.21
C TYR A 30 31.28 -21.34 -3.80
N GLY A 31 30.96 -20.47 -2.85
CA GLY A 31 30.79 -20.89 -1.46
C GLY A 31 32.11 -21.18 -0.78
N ASP A 32 33.19 -20.62 -1.30
CA ASP A 32 34.52 -20.87 -0.76
C ASP A 32 35.15 -19.82 0.15
N ASP A 33 34.35 -18.90 0.69
CA ASP A 33 34.92 -17.92 1.58
C ASP A 33 34.64 -18.40 3.00
N PRO A 34 35.71 -18.78 3.71
CA PRO A 34 35.69 -19.29 5.09
C PRO A 34 35.14 -18.27 6.07
N THR A 35 35.43 -16.99 5.84
CA THR A 35 34.97 -15.94 6.74
C THR A 35 33.49 -15.59 6.54
N VAL A 36 32.99 -15.68 5.31
CA VAL A 36 31.57 -15.41 5.08
C VAL A 36 30.81 -16.59 5.69
N ASN A 37 31.27 -17.79 5.39
CA ASN A 37 30.67 -19.00 5.93
C ASN A 37 30.65 -18.94 7.45
N ALA A 38 31.76 -18.53 8.06
CA ALA A 38 31.82 -18.47 9.51
C ALA A 38 30.84 -17.44 10.04
N LEU A 39 30.78 -16.28 9.40
CA LEU A 39 29.86 -15.25 9.84
C LEU A 39 28.42 -15.79 9.78
N GLN A 40 28.05 -16.35 8.63
CA GLN A 40 26.71 -16.90 8.46
C GLN A 40 26.40 -18.03 9.49
N ASP A 41 27.34 -18.94 9.71
CA ASP A 41 27.12 -20.02 10.70
C ASP A 41 26.92 -19.47 12.10
N TYR A 42 27.73 -18.48 12.45
CA TYR A 42 27.66 -17.86 13.78
C TYR A 42 26.33 -17.15 14.00
N ALA A 43 25.87 -16.41 13.02
CA ALA A 43 24.61 -15.71 13.16
C ALA A 43 23.48 -16.73 13.27
N ALA A 44 23.52 -17.77 12.44
CA ALA A 44 22.49 -18.80 12.50
C ALA A 44 22.43 -19.41 13.90
N GLU A 45 23.57 -19.91 14.36
CA GLU A 45 23.65 -20.53 15.68
C GLU A 45 23.25 -19.55 16.80
N LEU A 46 23.69 -18.30 16.69
CA LEU A 46 23.37 -17.30 17.69
C LEU A 46 21.88 -17.00 17.77
N SER A 47 21.16 -17.21 16.68
CA SER A 47 19.74 -16.91 16.65
C SER A 47 18.85 -18.13 16.68
N GLY A 48 19.44 -19.31 16.74
CA GLY A 48 18.63 -20.52 16.78
C GLY A 48 17.99 -20.88 15.45
N LYS A 49 18.56 -20.39 14.36
CA LYS A 49 18.02 -20.68 13.03
C LYS A 49 18.96 -21.62 12.25
N GLU A 50 18.44 -22.18 11.16
CA GLU A 50 19.22 -23.09 10.35
C GLU A 50 20.29 -22.46 9.49
N ALA A 51 20.01 -21.29 8.91
CA ALA A 51 20.99 -20.70 8.02
C ALA A 51 20.93 -19.19 7.96
N ALA A 52 21.97 -18.60 7.38
CA ALA A 52 22.09 -17.16 7.22
C ALA A 52 22.82 -16.88 5.90
N ILE A 53 22.57 -15.70 5.36
CA ILE A 53 23.14 -15.24 4.11
C ILE A 53 23.60 -13.78 4.31
N PHE A 54 24.83 -13.47 3.90
CA PHE A 54 25.37 -12.11 4.03
C PHE A 54 25.00 -11.32 2.77
N LEU A 55 24.56 -10.08 2.95
CA LEU A 55 24.20 -9.23 1.81
C LEU A 55 24.86 -7.85 1.90
N PRO A 56 25.02 -7.15 0.76
CA PRO A 56 25.64 -5.82 0.72
C PRO A 56 24.96 -4.77 1.59
N THR A 57 23.62 -4.83 1.65
CA THR A 57 22.86 -3.85 2.44
C THR A 57 21.59 -4.41 3.10
N GLY A 58 21.06 -3.67 4.06
CA GLY A 58 19.82 -4.10 4.70
C GLY A 58 18.69 -3.99 3.68
N THR A 59 18.77 -3.02 2.78
CA THR A 59 17.72 -2.90 1.77
C THR A 59 17.65 -4.21 0.97
N GLN A 60 18.80 -4.72 0.54
CA GLN A 60 18.79 -5.94 -0.24
C GLN A 60 18.36 -7.11 0.63
N ALA A 61 18.75 -7.09 1.91
CA ALA A 61 18.35 -8.16 2.80
C ALA A 61 16.81 -8.23 2.86
N ASN A 62 16.14 -7.08 2.94
CA ASN A 62 14.67 -7.05 2.99
C ASN A 62 14.08 -7.40 1.63
N LEU A 63 14.59 -6.80 0.56
CA LEU A 63 14.08 -7.10 -0.78
C LEU A 63 14.10 -8.60 -1.02
N VAL A 64 15.25 -9.21 -0.73
CA VAL A 64 15.42 -10.65 -0.89
C VAL A 64 14.50 -11.40 0.09
N ALA A 65 14.35 -10.90 1.30
CA ALA A 65 13.48 -11.56 2.28
C ALA A 65 12.04 -11.57 1.76
N LEU A 66 11.58 -10.45 1.24
CA LEU A 66 10.22 -10.35 0.70
C LEU A 66 10.03 -11.26 -0.53
N LEU A 67 11.01 -11.30 -1.41
CA LEU A 67 10.93 -12.16 -2.59
C LEU A 67 10.91 -13.64 -2.21
N SER A 68 11.68 -14.00 -1.18
CA SER A 68 11.75 -15.38 -0.76
C SER A 68 10.46 -15.85 -0.11
N HIS A 69 9.76 -14.93 0.54
CA HIS A 69 8.47 -15.23 1.19
C HIS A 69 7.22 -15.13 0.29
N CYS A 70 7.19 -14.13 -0.58
CA CYS A 70 6.00 -13.93 -1.40
C CYS A 70 6.13 -14.17 -2.90
N GLU A 71 5.32 -15.02 -3.43
CA GLU A 71 5.44 -15.20 -4.83
C GLU A 71 4.67 -14.09 -5.55
N ARG A 72 4.74 -14.07 -6.88
CA ARG A 72 4.05 -13.02 -7.60
C ARG A 72 2.54 -13.00 -7.30
N GLY A 73 1.99 -11.80 -7.02
CA GLY A 73 0.58 -11.69 -6.73
C GLY A 73 0.21 -11.85 -5.26
N GLU A 74 1.21 -12.23 -4.46
CA GLU A 74 0.98 -12.39 -3.04
C GLU A 74 1.18 -11.05 -2.37
N GLU A 75 0.85 -10.97 -1.09
CA GLU A 75 0.91 -9.71 -0.36
C GLU A 75 1.50 -9.78 1.03
N TYR A 76 2.10 -8.67 1.46
CA TYR A 76 2.65 -8.61 2.79
C TYR A 76 1.97 -7.49 3.56
N ILE A 77 1.64 -7.75 4.82
CA ILE A 77 1.02 -6.72 5.66
C ILE A 77 2.21 -6.08 6.37
N VAL A 78 2.24 -4.75 6.37
CA VAL A 78 3.43 -4.07 6.85
C VAL A 78 3.10 -2.66 7.33
N GLY A 79 4.01 -2.03 8.06
CA GLY A 79 3.72 -0.68 8.53
C GLY A 79 3.87 0.40 7.47
N GLN A 80 2.98 1.40 7.53
CA GLN A 80 3.02 2.53 6.61
C GLN A 80 4.34 3.28 6.67
N ALA A 81 5.01 3.15 7.80
CA ALA A 81 6.28 3.81 8.03
C ALA A 81 7.41 2.81 8.17
N ALA A 82 7.16 1.57 7.75
CA ALA A 82 8.22 0.57 7.87
C ALA A 82 9.22 0.73 6.74
N HIS A 83 10.46 0.39 7.03
CA HIS A 83 11.51 0.55 6.05
C HIS A 83 11.32 -0.23 4.76
N ASN A 84 10.88 -1.49 4.85
CA ASN A 84 10.72 -2.26 3.62
C ASN A 84 9.43 -1.97 2.86
N TYR A 85 8.75 -0.89 3.26
CA TYR A 85 7.57 -0.44 2.53
C TYR A 85 7.79 1.01 2.08
N LEU A 86 8.17 1.86 3.04
CA LEU A 86 8.37 3.28 2.76
C LEU A 86 9.74 3.72 2.25
N PHE A 87 10.80 3.17 2.85
CA PHE A 87 12.16 3.56 2.52
C PHE A 87 13.01 2.73 1.56
N GLU A 88 12.41 1.78 0.86
CA GLU A 88 13.16 0.98 -0.08
C GLU A 88 12.60 1.14 -1.49
N ALA A 89 12.18 2.37 -1.76
CA ALA A 89 11.64 2.80 -3.03
C ALA A 89 10.55 1.95 -3.66
N GLY A 90 9.81 1.22 -2.82
CA GLY A 90 8.73 0.39 -3.32
C GLY A 90 9.25 -0.84 -4.06
N GLY A 91 10.48 -1.24 -3.71
CA GLY A 91 11.10 -2.39 -4.35
C GLY A 91 10.31 -3.68 -4.42
N ALA A 92 9.61 -4.01 -3.33
CA ALA A 92 8.84 -5.25 -3.25
C ALA A 92 7.77 -5.32 -4.35
N ALA A 93 7.14 -4.18 -4.61
CA ALA A 93 6.11 -4.13 -5.64
C ALA A 93 6.71 -3.89 -7.02
N VAL A 94 7.60 -2.92 -7.12
CA VAL A 94 8.21 -2.56 -8.40
C VAL A 94 9.02 -3.69 -9.05
N LEU A 95 9.96 -4.24 -8.30
CA LEU A 95 10.79 -5.32 -8.81
C LEU A 95 10.23 -6.70 -8.48
N GLY A 96 9.57 -6.80 -7.33
CA GLY A 96 9.09 -8.09 -6.87
C GLY A 96 7.72 -8.59 -7.22
N SER A 97 6.87 -7.70 -7.71
CA SER A 97 5.50 -8.05 -8.11
C SER A 97 4.67 -8.54 -6.92
N ILE A 98 4.96 -7.96 -5.77
CA ILE A 98 4.26 -8.26 -4.53
C ILE A 98 3.41 -7.04 -4.15
N GLN A 99 2.17 -7.29 -3.77
CA GLN A 99 1.26 -6.23 -3.33
C GLN A 99 1.57 -5.84 -1.89
N PRO A 100 1.87 -4.55 -1.65
CA PRO A 100 2.15 -4.22 -0.25
C PRO A 100 0.81 -3.78 0.37
N GLN A 101 0.60 -4.18 1.62
CA GLN A 101 -0.62 -3.78 2.33
C GLN A 101 -0.20 -3.09 3.61
N PRO A 102 0.11 -1.78 3.52
CA PRO A 102 0.53 -1.04 4.72
C PRO A 102 -0.64 -0.64 5.61
N ILE A 103 -0.33 -0.51 6.90
CA ILE A 103 -1.28 -0.07 7.94
C ILE A 103 -0.48 0.72 8.97
N ASP A 104 -1.13 1.67 9.65
CA ASP A 104 -0.45 2.46 10.68
C ASP A 104 -0.06 1.63 11.88
N ALA A 105 1.15 1.82 12.39
CA ALA A 105 1.58 1.08 13.56
C ALA A 105 0.97 1.82 14.76
N ALA A 106 0.90 1.16 15.90
CA ALA A 106 0.38 1.81 17.12
C ALA A 106 1.57 2.64 17.63
N ALA A 107 1.36 3.45 18.66
CA ALA A 107 2.43 4.31 19.18
C ALA A 107 3.64 3.55 19.70
N ASP A 108 3.45 2.31 20.14
CA ASP A 108 4.57 1.54 20.66
C ASP A 108 5.33 0.84 19.55
N GLY A 109 4.96 1.08 18.30
CA GLY A 109 5.65 0.48 17.17
C GLY A 109 5.14 -0.85 16.66
N THR A 110 4.14 -1.43 17.32
CA THR A 110 3.59 -2.72 16.88
C THR A 110 2.50 -2.50 15.83
N LEU A 111 2.14 -3.55 15.10
CA LEU A 111 1.05 -3.45 14.15
C LEU A 111 -0.12 -4.16 14.88
N PRO A 112 -1.13 -3.39 15.33
CA PRO A 112 -2.28 -3.98 16.05
C PRO A 112 -2.84 -5.19 15.30
N LEU A 113 -2.81 -6.34 15.95
CA LEU A 113 -3.29 -7.58 15.33
C LEU A 113 -4.75 -7.56 14.89
N ASP A 114 -5.55 -6.70 15.50
CA ASP A 114 -6.96 -6.59 15.12
C ASP A 114 -7.01 -5.92 13.74
N LYS A 115 -6.07 -5.01 13.49
CA LYS A 115 -6.00 -4.34 12.19
C LYS A 115 -5.38 -5.28 11.19
N VAL A 116 -4.39 -6.06 11.62
CA VAL A 116 -3.76 -6.99 10.71
C VAL A 116 -4.82 -8.00 10.26
N ALA A 117 -5.62 -8.50 11.20
CA ALA A 117 -6.66 -9.45 10.84
C ALA A 117 -7.66 -8.80 9.87
N MET A 118 -7.98 -7.53 10.06
CA MET A 118 -8.92 -6.90 9.13
C MET A 118 -8.38 -6.81 7.71
N LYS A 119 -7.07 -6.98 7.55
CA LYS A 119 -6.45 -6.88 6.25
C LYS A 119 -6.20 -8.21 5.55
N ILE A 120 -6.36 -9.32 6.26
CA ILE A 120 -6.13 -10.61 5.61
C ILE A 120 -7.23 -10.79 4.58
N LYS A 121 -6.83 -10.90 3.33
CA LYS A 121 -7.78 -11.04 2.25
C LYS A 121 -8.45 -12.41 2.15
N PRO A 122 -9.74 -12.42 1.76
CA PRO A 122 -10.48 -13.67 1.63
C PRO A 122 -9.87 -14.31 0.40
N ASP A 123 -10.07 -15.61 0.25
CA ASP A 123 -9.56 -16.33 -0.90
C ASP A 123 -10.57 -16.08 -2.03
N ASP A 124 -10.45 -14.93 -2.69
CA ASP A 124 -11.33 -14.56 -3.78
C ASP A 124 -10.49 -13.90 -4.87
N ILE A 125 -10.84 -14.15 -6.13
CA ILE A 125 -10.08 -13.62 -7.25
C ILE A 125 -9.92 -12.10 -7.31
N HIS A 126 -10.73 -11.36 -6.55
CA HIS A 126 -10.63 -9.90 -6.54
C HIS A 126 -9.45 -9.40 -5.68
N PHE A 127 -8.91 -10.26 -4.82
CA PHE A 127 -7.86 -9.84 -3.91
C PHE A 127 -6.47 -10.40 -4.13
N ALA A 128 -5.49 -9.73 -3.55
CA ALA A 128 -4.11 -10.21 -3.60
C ALA A 128 -4.13 -11.35 -2.56
N ARG A 129 -3.12 -12.20 -2.54
CA ARG A 129 -3.10 -13.31 -1.59
C ARG A 129 -2.18 -12.98 -0.42
N THR A 130 -2.79 -12.69 0.73
CA THR A 130 -2.05 -12.35 1.93
C THR A 130 -1.14 -13.50 2.32
N LYS A 131 0.14 -13.19 2.45
CA LYS A 131 1.13 -14.23 2.72
C LYS A 131 2.03 -13.94 3.89
N LEU A 132 2.41 -12.68 4.04
CA LEU A 132 3.37 -12.31 5.07
C LEU A 132 3.06 -11.09 5.93
N LEU A 133 3.51 -11.15 7.18
CA LEU A 133 3.37 -10.05 8.10
C LEU A 133 4.81 -9.63 8.36
N SER A 134 5.13 -8.47 8.03
CA SER A 134 6.37 -7.91 8.33
C SER A 134 6.45 -6.83 9.50
N LEU A 135 7.35 -7.12 10.34
CA LEU A 135 7.65 -6.33 11.42
C LEU A 135 9.05 -5.60 11.44
N GLU A 136 9.15 -4.58 12.29
CA GLU A 136 10.32 -3.81 12.48
C GLU A 136 10.73 -3.57 13.94
N ASN A 137 11.80 -4.19 14.31
CA ASN A 137 12.36 -4.16 15.69
C ASN A 137 13.82 -3.78 15.83
N THR A 138 14.23 -2.70 16.27
CA THR A 138 13.48 -1.56 16.70
C THR A 138 12.87 -0.74 15.50
N HIS A 139 11.87 0.03 15.79
CA HIS A 139 11.23 0.82 14.88
C HIS A 139 11.43 2.26 15.27
N ASN A 140 12.33 3.01 14.61
CA ASN A 140 12.68 4.38 14.98
C ASN A 140 13.13 4.39 16.42
N GLY A 141 13.90 3.37 16.78
CA GLY A 141 14.43 3.22 18.13
C GLY A 141 13.52 2.56 19.15
N LYS A 142 12.23 2.51 18.85
CA LYS A 142 11.23 1.90 19.74
C LYS A 142 11.45 0.39 19.80
N VAL A 143 11.42 -0.15 21.02
CA VAL A 143 11.60 -1.59 21.21
C VAL A 143 10.19 -2.17 21.32
N LEU A 144 9.87 -3.17 20.50
CA LEU A 144 8.54 -3.78 20.54
C LEU A 144 8.37 -4.59 21.83
N PRO A 145 7.20 -4.52 22.46
CA PRO A 145 7.01 -5.29 23.69
C PRO A 145 7.16 -6.77 23.38
N ARG A 146 7.84 -7.53 24.26
CA ARG A 146 8.03 -8.96 24.03
C ARG A 146 6.72 -9.75 23.97
N GLU A 147 5.72 -9.29 24.70
CA GLU A 147 4.44 -9.98 24.70
C GLU A 147 3.84 -9.89 23.28
N TYR A 148 3.96 -8.73 22.65
CA TYR A 148 3.43 -8.59 21.31
C TYR A 148 4.19 -9.50 20.34
N LEU A 149 5.49 -9.60 20.48
CA LEU A 149 6.27 -10.46 19.57
C LEU A 149 5.71 -11.88 19.60
N LYS A 150 5.47 -12.41 20.80
CA LYS A 150 4.94 -13.77 20.93
C LYS A 150 3.53 -13.83 20.38
N GLU A 151 2.79 -12.77 20.62
CA GLU A 151 1.40 -12.68 20.15
C GLU A 151 1.32 -12.69 18.60
N ALA A 152 2.22 -11.98 17.95
CA ALA A 152 2.23 -11.91 16.50
C ALA A 152 2.58 -13.29 15.94
N TRP A 153 3.64 -13.90 16.47
CA TRP A 153 4.03 -15.23 16.02
C TRP A 153 2.85 -16.20 16.11
N GLU A 154 2.21 -16.25 17.27
CA GLU A 154 1.09 -17.14 17.47
C GLU A 154 -0.02 -16.82 16.48
N PHE A 155 -0.31 -15.53 16.34
CA PHE A 155 -1.32 -15.04 15.40
C PHE A 155 -1.06 -15.52 13.98
N THR A 156 0.20 -15.42 13.52
CA THR A 156 0.50 -15.85 12.17
C THR A 156 0.45 -17.36 12.02
N ARG A 157 0.90 -18.11 13.02
CA ARG A 157 0.84 -19.58 12.89
C ARG A 157 -0.61 -19.98 12.69
N LYS A 158 -1.49 -19.46 13.55
CA LYS A 158 -2.92 -19.76 13.48
C LYS A 158 -3.52 -19.43 12.12
N ARG A 159 -3.07 -18.34 11.49
CA ARG A 159 -3.62 -17.93 10.21
C ARG A 159 -2.80 -18.32 8.98
N ASN A 160 -1.80 -19.15 9.21
CA ASN A 160 -0.93 -19.65 8.15
C ASN A 160 -0.20 -18.53 7.40
N LEU A 161 0.34 -17.58 8.15
CA LEU A 161 1.10 -16.49 7.54
C LEU A 161 2.54 -16.60 8.01
N ALA A 162 3.49 -16.21 7.18
CA ALA A 162 4.88 -16.25 7.60
C ALA A 162 5.14 -14.94 8.32
N LEU A 163 6.17 -14.92 9.16
CA LEU A 163 6.49 -13.71 9.89
C LEU A 163 7.93 -13.29 9.70
N HIS A 164 8.11 -12.11 9.14
CA HIS A 164 9.44 -11.57 8.92
C HIS A 164 9.66 -10.36 9.82
N VAL A 165 10.87 -10.29 10.38
CA VAL A 165 11.23 -9.15 11.21
C VAL A 165 12.45 -8.44 10.65
N ASP A 166 12.29 -7.17 10.31
CA ASP A 166 13.37 -6.35 9.81
C ASP A 166 14.14 -5.98 11.09
N GLY A 167 15.28 -6.62 11.31
CA GLY A 167 16.07 -6.35 12.50
C GLY A 167 17.30 -5.50 12.29
N ALA A 168 17.15 -4.40 11.55
CA ALA A 168 18.28 -3.52 11.33
C ALA A 168 18.92 -3.16 12.67
N ARG A 169 18.09 -2.88 13.68
CA ARG A 169 18.62 -2.55 15.01
C ARG A 169 18.09 -3.56 16.05
N ILE A 170 18.11 -4.84 15.71
CA ILE A 170 17.61 -5.87 16.64
C ILE A 170 18.50 -6.07 17.87
N PHE A 171 19.80 -5.81 17.75
CA PHE A 171 20.66 -5.95 18.91
C PHE A 171 20.46 -4.80 19.89
N ASN A 172 19.94 -3.67 19.38
CA ASN A 172 19.62 -2.53 20.24
C ASN A 172 18.41 -2.99 21.04
N ALA A 173 17.54 -3.77 20.42
CA ALA A 173 16.36 -4.29 21.12
C ALA A 173 16.81 -5.35 22.13
N VAL A 174 17.71 -6.24 21.69
CA VAL A 174 18.21 -7.29 22.56
C VAL A 174 18.82 -6.69 23.83
N VAL A 175 19.79 -5.79 23.66
CA VAL A 175 20.41 -5.15 24.81
C VAL A 175 19.33 -4.53 25.70
N ALA A 176 18.37 -3.83 25.10
CA ALA A 176 17.30 -3.21 25.87
C ALA A 176 16.41 -4.24 26.58
N TYR A 177 16.27 -5.44 26.02
CA TYR A 177 15.44 -6.46 26.66
C TYR A 177 16.19 -7.13 27.82
N GLY A 178 17.51 -7.22 27.69
CA GLY A 178 18.32 -7.87 28.70
C GLY A 178 18.27 -9.37 28.52
N CYS A 179 17.94 -9.82 27.31
CA CYS A 179 17.84 -11.24 27.04
C CYS A 179 18.76 -11.63 25.89
N GLU A 180 18.74 -12.92 25.52
CA GLU A 180 19.54 -13.43 24.42
C GLU A 180 18.78 -13.21 23.11
N LEU A 181 19.52 -13.09 22.01
CA LEU A 181 18.90 -12.87 20.70
C LEU A 181 17.89 -13.95 20.37
N LYS A 182 18.30 -15.20 20.58
CA LYS A 182 17.45 -16.35 20.29
C LYS A 182 16.12 -16.31 21.02
N GLU A 183 16.06 -15.59 22.14
CA GLU A 183 14.82 -15.50 22.90
C GLU A 183 13.78 -14.62 22.24
N ILE A 184 14.20 -13.83 21.24
CA ILE A 184 13.22 -13.02 20.51
C ILE A 184 13.11 -13.52 19.06
N THR A 185 14.15 -14.18 18.53
CA THR A 185 14.07 -14.66 17.15
C THR A 185 13.23 -15.92 16.99
N GLN A 186 12.89 -16.57 18.10
CA GLN A 186 12.05 -17.77 18.04
C GLN A 186 10.64 -17.38 17.58
N TYR A 187 10.37 -16.08 17.62
CA TYR A 187 9.06 -15.59 17.23
C TYR A 187 8.96 -15.04 15.82
N CYS A 188 9.79 -15.58 14.93
CA CYS A 188 9.72 -15.17 13.54
C CYS A 188 10.24 -16.29 12.65
N ASP A 189 9.83 -16.27 11.39
CA ASP A 189 10.31 -17.25 10.44
C ASP A 189 11.66 -16.78 9.94
N SER A 190 11.79 -15.48 9.75
CA SER A 190 13.04 -14.92 9.25
C SER A 190 13.23 -13.52 9.80
N PHE A 191 14.47 -13.07 9.82
CA PHE A 191 14.76 -11.74 10.28
C PHE A 191 16.10 -11.30 9.68
N THR A 192 16.34 -10.00 9.69
CA THR A 192 17.58 -9.45 9.16
C THR A 192 18.39 -8.87 10.31
N ILE A 193 19.69 -8.75 10.09
CA ILE A 193 20.60 -8.17 11.06
C ILE A 193 21.47 -7.19 10.29
N CYS A 194 21.43 -5.91 10.65
CA CYS A 194 22.29 -4.94 10.00
C CYS A 194 23.58 -4.85 10.79
N LEU A 195 24.70 -4.96 10.10
CA LEU A 195 26.01 -4.92 10.75
C LEU A 195 26.68 -3.56 10.63
N SER A 196 26.20 -2.76 9.67
CA SER A 196 26.78 -1.45 9.35
C SER A 196 26.25 -0.23 10.08
N LYS A 197 25.37 -0.42 11.06
CA LYS A 197 24.89 0.74 11.78
C LYS A 197 25.54 0.78 13.14
N GLY A 198 24.76 0.53 14.20
CA GLY A 198 25.30 0.54 15.55
C GLY A 198 26.43 -0.44 15.82
N LEU A 199 26.43 -1.59 15.13
CA LEU A 199 27.50 -2.58 15.33
C LEU A 199 28.84 -2.13 14.71
N GLY A 200 28.80 -1.05 13.94
CA GLY A 200 30.02 -0.46 13.41
C GLY A 200 30.76 -1.03 12.23
N THR A 201 30.08 -1.79 11.39
CA THR A 201 30.68 -2.37 10.21
C THR A 201 30.60 -1.35 9.07
N PRO A 202 31.53 -1.41 8.10
CA PRO A 202 31.51 -0.48 6.97
C PRO A 202 30.39 -0.84 6.00
N VAL A 203 30.05 -2.11 5.93
CA VAL A 203 29.01 -2.55 5.00
C VAL A 203 28.50 -3.93 5.39
N GLY A 204 27.23 -4.19 5.08
CA GLY A 204 26.76 -5.53 5.37
C GLY A 204 25.58 -5.72 6.28
N SER A 205 24.77 -6.68 5.87
CA SER A 205 23.58 -7.07 6.57
C SER A 205 23.49 -8.59 6.42
N LEU A 206 22.63 -9.22 7.22
CA LEU A 206 22.43 -10.66 7.18
C LEU A 206 20.95 -10.99 7.17
N LEU A 207 20.56 -12.04 6.45
CA LEU A 207 19.19 -12.50 6.45
C LEU A 207 19.28 -13.90 7.04
N VAL A 208 18.45 -14.19 8.03
CA VAL A 208 18.46 -15.47 8.70
C VAL A 208 17.10 -16.19 8.65
N GLY A 209 17.12 -17.50 8.43
CA GLY A 209 15.86 -18.24 8.40
C GLY A 209 16.12 -19.73 8.26
N ASN A 210 15.15 -20.49 7.78
CA ASN A 210 15.40 -21.92 7.64
C ASN A 210 16.16 -22.21 6.35
N ARG A 211 16.81 -23.38 6.31
CA ARG A 211 17.60 -23.80 5.18
C ARG A 211 16.90 -23.67 3.82
N ASP A 212 15.65 -24.09 3.72
CA ASP A 212 14.95 -23.99 2.45
C ASP A 212 14.71 -22.55 2.08
N TYR A 213 14.31 -21.75 3.04
CA TYR A 213 14.03 -20.34 2.80
C TYR A 213 15.30 -19.63 2.30
N ILE A 214 16.39 -19.83 3.02
CA ILE A 214 17.66 -19.22 2.67
C ILE A 214 18.17 -19.68 1.30
N LYS A 215 17.89 -20.92 0.94
CA LYS A 215 18.34 -21.41 -0.36
C LYS A 215 17.62 -20.63 -1.47
N ARG A 216 16.34 -20.31 -1.28
CA ARG A 216 15.62 -19.50 -2.28
C ARG A 216 16.22 -18.07 -2.26
N ALA A 217 16.54 -17.58 -1.06
CA ALA A 217 17.13 -16.25 -0.90
C ALA A 217 18.45 -16.11 -1.66
N ILE A 218 19.22 -17.19 -1.67
CA ILE A 218 20.50 -17.17 -2.37
C ILE A 218 20.25 -16.87 -3.85
N ARG A 219 19.23 -17.48 -4.45
CA ARG A 219 18.92 -17.20 -5.86
C ARG A 219 18.51 -15.73 -6.06
N TRP A 220 17.68 -15.22 -5.17
CA TRP A 220 17.23 -13.83 -5.30
C TRP A 220 18.38 -12.85 -5.04
N ARG A 221 19.33 -13.21 -4.16
CA ARG A 221 20.49 -12.35 -3.92
C ARG A 221 21.31 -12.22 -5.22
N LYS A 222 21.49 -13.35 -5.91
CA LYS A 222 22.26 -13.33 -7.14
C LYS A 222 21.62 -12.41 -8.18
N MET A 223 20.32 -12.58 -8.38
CA MET A 223 19.57 -11.81 -9.34
C MET A 223 19.54 -10.32 -9.02
N THR A 224 19.36 -9.98 -7.74
CA THR A 224 19.32 -8.58 -7.36
C THR A 224 20.73 -7.97 -7.29
N GLY A 225 21.75 -8.81 -7.47
CA GLY A 225 23.12 -8.31 -7.50
C GLY A 225 24.00 -8.33 -6.28
N GLY A 226 23.65 -9.14 -5.29
CA GLY A 226 24.47 -9.18 -4.10
C GLY A 226 25.41 -10.37 -4.04
N GLY A 227 25.57 -11.09 -5.13
CA GLY A 227 26.45 -12.25 -5.10
C GLY A 227 27.90 -11.86 -5.29
N MET A 228 28.53 -11.41 -4.20
CA MET A 228 29.92 -10.96 -4.24
C MET A 228 30.98 -12.08 -4.18
N ARG A 229 32.23 -11.68 -4.40
CA ARG A 229 33.35 -12.61 -4.42
C ARG A 229 34.07 -12.76 -3.08
N GLN A 230 35.17 -12.04 -2.89
CA GLN A 230 35.92 -12.16 -1.64
C GLN A 230 35.35 -11.25 -0.56
N SER A 231 34.07 -11.42 -0.26
CA SER A 231 33.41 -10.61 0.75
C SER A 231 33.85 -10.99 2.17
N GLY A 232 34.73 -11.97 2.29
CA GLY A 232 35.24 -12.37 3.61
C GLY A 232 35.85 -11.20 4.38
N ILE A 233 36.49 -10.29 3.67
CA ILE A 233 37.07 -9.12 4.33
C ILE A 233 35.95 -8.31 4.99
N LEU A 234 34.78 -8.28 4.36
CA LEU A 234 33.65 -7.56 4.93
C LEU A 234 32.98 -8.38 6.03
N ALA A 235 32.89 -9.69 5.81
CA ALA A 235 32.28 -10.56 6.81
C ALA A 235 33.13 -10.54 8.09
N ALA A 236 34.45 -10.47 7.94
CA ALA A 236 35.31 -10.45 9.13
C ALA A 236 34.95 -9.31 10.09
N ALA A 237 34.61 -8.15 9.55
CA ALA A 237 34.23 -7.01 10.40
C ALA A 237 32.95 -7.38 11.15
N GLY A 238 32.02 -8.05 10.45
CA GLY A 238 30.77 -8.46 11.06
C GLY A 238 31.00 -9.38 12.24
N MET A 239 31.91 -10.34 12.08
CA MET A 239 32.20 -11.24 13.19
C MET A 239 32.81 -10.48 14.35
N TYR A 240 33.70 -9.54 14.03
CA TYR A 240 34.34 -8.79 15.08
C TYR A 240 33.30 -7.98 15.85
N ALA A 241 32.35 -7.42 15.10
CA ALA A 241 31.28 -6.60 15.68
C ALA A 241 30.30 -7.37 16.56
N LEU A 242 29.89 -8.56 16.13
CA LEU A 242 28.96 -9.38 16.91
C LEU A 242 29.58 -9.89 18.21
N LYS A 243 30.89 -10.03 18.21
CA LYS A 243 31.59 -10.53 19.39
C LYS A 243 32.09 -9.43 20.30
N ASN A 244 32.28 -8.23 19.75
CA ASN A 244 32.84 -7.14 20.54
C ASN A 244 32.02 -5.85 20.57
N ASN A 245 31.03 -5.70 19.70
CA ASN A 245 30.27 -4.45 19.68
C ASN A 245 28.82 -4.48 20.11
N VAL A 246 28.34 -5.60 20.63
CA VAL A 246 26.95 -5.68 21.07
C VAL A 246 26.68 -5.12 22.47
N ALA A 247 27.44 -5.52 23.48
CA ALA A 247 27.19 -5.00 24.82
C ALA A 247 27.28 -3.46 24.91
N ARG A 248 28.26 -2.85 24.22
CA ARG A 248 28.42 -1.39 24.30
C ARG A 248 27.25 -0.59 23.74
N LEU A 249 26.32 -1.24 23.07
CA LEU A 249 25.16 -0.53 22.56
C LEU A 249 24.48 0.19 23.73
N GLN A 250 24.66 -0.35 24.95
CA GLN A 250 24.08 0.23 26.17
C GLN A 250 24.62 1.65 26.37
N GLU A 251 25.86 1.89 25.98
CA GLU A 251 26.46 3.22 26.10
C GLU A 251 25.70 4.20 25.21
N ASP A 252 25.40 3.77 23.98
CA ASP A 252 24.67 4.64 23.05
C ASP A 252 23.33 4.99 23.66
N HIS A 253 22.67 3.97 24.22
CA HIS A 253 21.37 4.14 24.84
C HIS A 253 21.47 5.11 26.01
N ASP A 254 22.46 4.92 26.89
CA ASP A 254 22.60 5.83 28.03
C ASP A 254 22.88 7.25 27.53
N ASN A 255 23.69 7.35 26.47
CA ASN A 255 24.04 8.66 25.91
C ASN A 255 22.85 9.41 25.32
N THR A 256 21.87 8.66 24.80
CA THR A 256 20.68 9.27 24.22
C THR A 256 19.76 9.74 25.31
N ALA A 257 19.62 8.95 26.37
CA ALA A 257 18.76 9.35 27.50
C ALA A 257 19.39 10.61 28.12
N TRP A 258 20.71 10.62 28.20
CA TRP A 258 21.45 11.74 28.76
C TRP A 258 21.28 12.97 27.90
N MET A 259 21.52 12.83 26.60
CA MET A 259 21.38 13.95 25.68
C MET A 259 19.96 14.53 25.69
N ALA A 260 18.97 13.65 25.87
CA ALA A 260 17.57 14.09 25.92
C ALA A 260 17.35 15.03 27.09
N GLU A 261 17.97 14.71 28.21
CA GLU A 261 17.85 15.54 29.41
C GLU A 261 18.66 16.82 29.22
N GLN A 262 19.82 16.72 28.56
CA GLN A 262 20.64 17.90 28.32
C GLN A 262 19.92 18.91 27.46
N LEU A 263 19.21 18.40 26.45
CA LEU A 263 18.46 19.28 25.55
C LEU A 263 17.22 19.80 26.23
N ARG A 264 16.57 18.97 27.05
CA ARG A 264 15.39 19.44 27.75
C ARG A 264 15.82 20.65 28.59
N GLU A 265 17.00 20.54 29.20
CA GLU A 265 17.52 21.62 30.02
C GLU A 265 17.77 22.88 29.19
N ALA A 266 18.24 22.68 27.96
CA ALA A 266 18.54 23.79 27.06
C ALA A 266 17.33 24.48 26.46
N GLY A 267 16.15 23.92 26.69
CA GLY A 267 14.94 24.54 26.15
C GLY A 267 14.41 23.89 24.89
N ALA A 268 15.11 22.87 24.38
CA ALA A 268 14.65 22.19 23.17
C ALA A 268 13.42 21.39 23.53
N ASP A 269 12.60 21.08 22.54
CA ASP A 269 11.39 20.31 22.79
C ASP A 269 11.62 18.83 22.42
N VAL A 270 12.06 18.04 23.39
CA VAL A 270 12.35 16.64 23.17
C VAL A 270 11.06 15.83 23.14
N MET A 271 10.70 15.30 21.97
CA MET A 271 9.48 14.52 21.81
C MET A 271 9.57 13.15 22.45
N ARG A 272 10.64 12.42 22.19
CA ARG A 272 10.80 11.10 22.80
C ARG A 272 12.21 10.56 22.65
N GLN A 273 12.57 9.66 23.54
CA GLN A 273 13.88 9.03 23.52
C GLN A 273 13.65 7.52 23.59
N ASP A 274 14.21 6.79 22.64
CA ASP A 274 14.06 5.34 22.59
C ASP A 274 15.40 4.79 22.12
N THR A 275 16.01 3.95 22.94
CA THR A 275 17.31 3.37 22.67
C THR A 275 18.29 4.42 22.15
N ASN A 276 18.83 4.23 20.95
CA ASN A 276 19.83 5.19 20.46
C ASN A 276 19.26 6.32 19.61
N MET A 277 17.99 6.62 19.80
CA MET A 277 17.34 7.70 19.06
C MET A 277 16.54 8.64 19.95
N LEU A 278 16.56 9.92 19.61
CA LEU A 278 15.75 10.89 20.34
C LEU A 278 15.21 11.83 19.29
N PHE A 279 13.96 12.25 19.48
CA PHE A 279 13.31 13.14 18.51
C PHE A 279 13.05 14.52 19.06
N VAL A 280 13.53 15.53 18.34
CA VAL A 280 13.36 16.91 18.74
C VAL A 280 12.45 17.67 17.78
N ARG A 281 11.48 18.41 18.32
CA ARG A 281 10.61 19.20 17.47
C ARG A 281 11.30 20.55 17.33
N VAL A 282 12.02 20.76 16.24
CA VAL A 282 12.71 22.02 16.03
C VAL A 282 11.77 23.06 15.38
N GLY A 283 10.85 22.60 14.53
CA GLY A 283 9.93 23.50 13.88
C GLY A 283 10.44 24.06 12.56
N GLU A 284 9.52 24.34 11.64
CA GLU A 284 9.86 24.87 10.33
C GLU A 284 10.62 26.20 10.35
N GLU A 285 10.25 27.09 11.26
CA GLU A 285 10.90 28.39 11.35
C GLU A 285 12.36 28.33 11.75
N ASN A 286 12.79 27.19 12.26
CA ASN A 286 14.18 27.05 12.68
C ASN A 286 14.89 25.86 12.09
N ALA A 287 14.15 25.03 11.37
CA ALA A 287 14.72 23.84 10.76
C ALA A 287 16.06 24.11 10.08
N ALA A 288 16.01 24.70 8.89
CA ALA A 288 17.22 25.00 8.12
C ALA A 288 18.29 25.76 8.90
N ALA A 289 17.87 26.74 9.70
CA ALA A 289 18.82 27.53 10.46
C ALA A 289 19.65 26.70 11.45
N LEU A 290 19.02 25.73 12.09
CA LEU A 290 19.72 24.88 13.05
C LEU A 290 20.73 24.01 12.28
N GLY A 291 20.32 23.59 11.09
CA GLY A 291 21.18 22.76 10.27
C GLY A 291 22.46 23.48 9.91
N GLU A 292 22.35 24.76 9.57
CA GLU A 292 23.52 25.56 9.19
C GLU A 292 24.38 25.89 10.41
N TYR A 293 23.73 26.34 11.47
CA TYR A 293 24.41 26.69 12.71
C TYR A 293 25.26 25.52 13.19
N MET A 294 24.66 24.33 13.21
CA MET A 294 25.37 23.14 13.64
C MET A 294 26.49 22.79 12.67
N LYS A 295 26.16 22.70 11.39
CA LYS A 295 27.15 22.38 10.37
C LYS A 295 28.34 23.33 10.49
N ALA A 296 28.08 24.53 10.99
CA ALA A 296 29.14 25.51 11.16
C ALA A 296 30.11 25.06 12.27
N ARG A 297 29.57 24.50 13.35
CA ARG A 297 30.39 24.01 14.48
C ARG A 297 30.89 22.58 14.27
N ASN A 298 30.78 22.08 13.04
CA ASN A 298 31.23 20.73 12.72
C ASN A 298 30.33 19.65 13.31
N VAL A 299 29.07 19.98 13.48
CA VAL A 299 28.11 19.00 14.00
C VAL A 299 27.15 18.78 12.86
N LEU A 300 26.99 17.53 12.45
CA LEU A 300 26.10 17.20 11.35
C LEU A 300 24.78 16.59 11.82
N ILE A 301 23.68 17.16 11.36
CA ILE A 301 22.37 16.64 11.70
C ILE A 301 21.55 16.65 10.42
N ASN A 302 20.40 16.00 10.45
CA ASN A 302 19.52 16.00 9.31
C ASN A 302 18.48 17.04 9.67
N ALA A 303 18.71 18.27 9.24
CA ALA A 303 17.81 19.40 9.51
C ALA A 303 16.42 19.02 9.06
N SER A 304 15.41 19.45 9.81
CA SER A 304 14.03 19.14 9.50
C SER A 304 13.16 19.63 10.63
N PRO A 305 11.85 19.75 10.41
CA PRO A 305 10.92 20.21 11.44
C PRO A 305 11.11 19.40 12.72
N ILE A 306 11.18 18.08 12.55
CA ILE A 306 11.38 17.16 13.65
C ILE A 306 12.72 16.53 13.33
N VAL A 307 13.73 16.87 14.11
CA VAL A 307 15.07 16.34 13.91
C VAL A 307 15.26 15.04 14.67
N ARG A 308 15.74 14.03 13.97
CA ARG A 308 16.02 12.75 14.58
C ARG A 308 17.52 12.71 14.83
N LEU A 309 17.91 12.57 16.09
CA LEU A 309 19.32 12.47 16.43
C LEU A 309 19.61 11.00 16.75
N VAL A 310 20.70 10.48 16.17
CA VAL A 310 21.05 9.09 16.37
C VAL A 310 22.44 9.01 16.96
N THR A 311 22.62 8.16 17.98
CA THR A 311 23.92 8.01 18.61
C THR A 311 24.54 6.70 18.19
N HIS A 312 25.85 6.56 18.42
CA HIS A 312 26.58 5.37 18.00
C HIS A 312 28.00 5.46 18.55
N LEU A 313 28.80 4.43 18.31
CA LEU A 313 30.16 4.39 18.83
C LEU A 313 31.10 5.49 18.38
N ASP A 314 30.72 6.28 17.38
CA ASP A 314 31.58 7.36 16.92
C ASP A 314 31.18 8.72 17.47
N VAL A 315 30.30 8.73 18.46
CA VAL A 315 29.91 9.98 19.09
C VAL A 315 29.96 9.68 20.59
N SER A 316 30.83 10.40 21.28
CA SER A 316 31.02 10.22 22.71
C SER A 316 30.15 11.16 23.53
N ARG A 317 30.05 10.89 24.82
CA ARG A 317 29.26 11.76 25.68
C ARG A 317 29.83 13.19 25.68
N ALA A 318 31.15 13.31 25.67
CA ALA A 318 31.77 14.64 25.67
C ALA A 318 31.35 15.41 24.42
N GLN A 319 31.30 14.71 23.29
CA GLN A 319 30.89 15.35 22.05
C GLN A 319 29.44 15.74 22.14
N LEU A 320 28.62 14.89 22.76
CA LEU A 320 27.21 15.20 22.92
C LEU A 320 27.05 16.39 23.85
N ALA A 321 27.99 16.59 24.76
CA ALA A 321 27.91 17.73 25.66
C ALA A 321 28.13 19.03 24.86
N GLU A 322 29.02 18.99 23.88
CA GLU A 322 29.31 20.13 23.03
C GLU A 322 28.10 20.45 22.18
N VAL A 323 27.47 19.41 21.63
CA VAL A 323 26.29 19.63 20.80
C VAL A 323 25.21 20.25 21.68
N ALA A 324 25.04 19.75 22.90
CA ALA A 324 24.01 20.31 23.77
C ALA A 324 24.31 21.78 24.07
N ALA A 325 25.59 22.13 24.19
CA ALA A 325 25.95 23.51 24.45
C ALA A 325 25.65 24.39 23.23
N HIS A 326 25.94 23.89 22.04
CA HIS A 326 25.66 24.64 20.81
C HIS A 326 24.16 24.85 20.66
N TRP A 327 23.41 23.78 20.90
CA TRP A 327 21.95 23.82 20.79
C TRP A 327 21.42 24.81 21.81
N ARG A 328 21.98 24.77 23.02
CA ARG A 328 21.59 25.66 24.09
C ARG A 328 21.84 27.12 23.70
N ALA A 329 22.95 27.38 23.02
CA ALA A 329 23.29 28.72 22.59
C ALA A 329 22.33 29.15 21.52
N PHE A 330 21.97 28.20 20.67
CA PHE A 330 21.07 28.48 19.57
C PHE A 330 19.74 29.04 20.07
N LEU A 331 19.10 28.30 20.97
CA LEU A 331 17.80 28.69 21.51
C LEU A 331 17.77 29.97 22.35
N ALA A 332 18.87 30.25 23.06
CA ALA A 332 18.91 31.46 23.88
C ALA A 332 20.23 31.56 24.61
N MET B 1 -36.81 -14.10 -10.63
CA MET B 1 -35.52 -13.96 -9.88
C MET B 1 -35.21 -12.50 -9.54
N ILE B 2 -35.17 -12.21 -8.25
CA ILE B 2 -34.87 -10.88 -7.77
C ILE B 2 -33.42 -10.87 -7.27
N ASP B 3 -32.55 -10.24 -8.06
CA ASP B 3 -31.12 -10.18 -7.77
C ASP B 3 -30.67 -8.81 -7.25
N LEU B 4 -30.26 -8.76 -5.99
CA LEU B 4 -29.82 -7.49 -5.39
C LEU B 4 -28.36 -7.53 -5.01
N ARG B 5 -27.64 -8.55 -5.47
CA ARG B 5 -26.22 -8.70 -5.16
C ARG B 5 -25.38 -7.55 -5.71
N SER B 6 -25.76 -7.05 -6.88
CA SER B 6 -25.00 -5.98 -7.51
C SER B 6 -25.75 -5.46 -8.72
N ASP B 7 -25.31 -4.33 -9.26
CA ASP B 7 -25.94 -3.78 -10.45
C ASP B 7 -25.22 -4.35 -11.68
N THR B 8 -24.24 -5.22 -11.44
CA THR B 8 -23.50 -5.83 -12.56
C THR B 8 -24.35 -6.88 -13.28
N VAL B 9 -25.37 -7.39 -12.59
CA VAL B 9 -26.25 -8.42 -13.13
C VAL B 9 -27.33 -7.94 -14.10
N THR B 10 -27.29 -6.67 -14.48
CA THR B 10 -28.29 -6.14 -15.39
C THR B 10 -28.16 -6.80 -16.76
N ARG B 11 -29.29 -7.23 -17.31
CA ARG B 11 -29.33 -7.91 -18.59
C ARG B 11 -29.83 -6.95 -19.69
N PRO B 12 -29.45 -7.18 -20.94
CA PRO B 12 -29.85 -6.32 -22.05
C PRO B 12 -31.35 -6.33 -22.35
N SER B 13 -31.89 -5.16 -22.65
CA SER B 13 -33.29 -5.04 -23.02
C SER B 13 -33.36 -5.42 -24.50
N ARG B 14 -34.57 -5.68 -24.99
CA ARG B 14 -34.71 -6.05 -26.41
C ARG B 14 -34.16 -4.96 -27.31
N ALA B 15 -34.43 -3.70 -26.94
CA ALA B 15 -33.97 -2.55 -27.72
C ALA B 15 -32.44 -2.49 -27.79
N MET B 16 -31.80 -2.76 -26.66
CA MET B 16 -30.35 -2.76 -26.61
C MET B 16 -29.82 -3.87 -27.53
N LEU B 17 -30.41 -5.06 -27.42
CA LEU B 17 -29.99 -6.19 -28.24
C LEU B 17 -30.14 -5.87 -29.71
N GLU B 18 -31.21 -5.17 -30.06
CA GLU B 18 -31.42 -4.83 -31.45
C GLU B 18 -30.35 -3.87 -31.93
N ALA B 19 -30.03 -2.88 -31.11
CA ALA B 19 -29.00 -1.94 -31.49
C ALA B 19 -27.67 -2.71 -31.70
N MET B 20 -27.44 -3.71 -30.84
CA MET B 20 -26.23 -4.51 -30.93
C MET B 20 -26.19 -5.34 -32.21
N MET B 21 -27.27 -6.06 -32.51
CA MET B 21 -27.28 -6.90 -33.70
C MET B 21 -27.29 -6.15 -35.04
N ALA B 22 -27.62 -4.86 -35.02
CA ALA B 22 -27.65 -4.06 -36.25
C ALA B 22 -26.46 -3.12 -36.42
N ALA B 23 -25.56 -3.08 -35.43
CA ALA B 23 -24.44 -2.16 -35.51
C ALA B 23 -23.38 -2.49 -36.53
N PRO B 24 -22.93 -1.48 -37.29
CA PRO B 24 -21.89 -1.78 -38.27
C PRO B 24 -20.62 -2.04 -37.44
N VAL B 25 -19.83 -3.02 -37.84
CA VAL B 25 -18.62 -3.36 -37.12
C VAL B 25 -17.39 -3.40 -38.01
N GLY B 26 -16.22 -3.45 -37.39
CA GLY B 26 -14.96 -3.50 -38.11
C GLY B 26 -13.94 -4.18 -37.21
N ASP B 27 -12.67 -4.09 -37.56
CA ASP B 27 -11.64 -4.71 -36.75
C ASP B 27 -11.07 -3.57 -35.91
N ASP B 28 -11.39 -3.57 -34.61
CA ASP B 28 -10.93 -2.53 -33.70
C ASP B 28 -9.41 -2.41 -33.60
N VAL B 29 -8.68 -3.52 -33.75
CA VAL B 29 -7.22 -3.47 -33.67
C VAL B 29 -6.71 -2.59 -34.81
N TYR B 30 -7.38 -2.67 -35.96
CA TYR B 30 -6.99 -1.87 -37.11
C TYR B 30 -7.63 -0.49 -37.01
N GLY B 31 -8.54 -0.34 -36.05
CA GLY B 31 -9.23 0.93 -35.85
C GLY B 31 -10.35 1.13 -36.85
N ASP B 32 -10.81 0.03 -37.43
CA ASP B 32 -11.87 0.05 -38.43
C ASP B 32 -13.28 -0.24 -37.90
N ASP B 33 -13.47 -0.31 -36.59
CA ASP B 33 -14.83 -0.56 -36.09
C ASP B 33 -15.49 0.78 -35.82
N PRO B 34 -16.45 1.15 -36.68
CA PRO B 34 -17.27 2.36 -36.70
C PRO B 34 -18.03 2.62 -35.42
N THR B 35 -18.62 1.58 -34.85
CA THR B 35 -19.40 1.74 -33.63
C THR B 35 -18.50 1.97 -32.42
N VAL B 36 -17.38 1.27 -32.34
CA VAL B 36 -16.42 1.44 -31.23
C VAL B 36 -15.92 2.91 -31.27
N ASN B 37 -15.49 3.35 -32.45
CA ASN B 37 -15.01 4.70 -32.65
C ASN B 37 -16.10 5.69 -32.21
N ALA B 38 -17.33 5.44 -32.65
CA ALA B 38 -18.45 6.31 -32.32
C ALA B 38 -18.71 6.42 -30.82
N LEU B 39 -18.64 5.28 -30.12
CA LEU B 39 -18.85 5.26 -28.68
C LEU B 39 -17.76 6.10 -28.03
N GLN B 40 -16.52 5.87 -28.44
CA GLN B 40 -15.39 6.61 -27.90
C GLN B 40 -15.49 8.13 -28.17
N ASP B 41 -15.79 8.53 -29.41
CA ASP B 41 -15.89 9.97 -29.72
C ASP B 41 -16.99 10.63 -28.89
N TYR B 42 -18.13 9.94 -28.77
CA TYR B 42 -19.26 10.45 -28.02
C TYR B 42 -18.93 10.62 -26.55
N ALA B 43 -18.22 9.65 -25.98
CA ALA B 43 -17.83 9.72 -24.57
C ALA B 43 -16.83 10.86 -24.35
N ALA B 44 -15.86 11.01 -25.25
CA ALA B 44 -14.86 12.07 -25.13
C ALA B 44 -15.56 13.44 -25.17
N GLU B 45 -16.43 13.60 -26.17
CA GLU B 45 -17.19 14.81 -26.38
C GLU B 45 -18.08 15.20 -25.21
N LEU B 46 -18.81 14.22 -24.66
CA LEU B 46 -19.71 14.45 -23.55
C LEU B 46 -18.97 14.85 -22.27
N SER B 47 -17.71 14.45 -22.16
CA SER B 47 -16.90 14.73 -20.98
C SER B 47 -15.91 15.87 -21.13
N GLY B 48 -15.84 16.44 -22.33
CA GLY B 48 -14.91 17.52 -22.58
C GLY B 48 -13.47 17.03 -22.76
N LYS B 49 -13.30 15.72 -22.96
CA LYS B 49 -11.96 15.15 -23.14
C LYS B 49 -11.60 14.96 -24.63
N GLU B 50 -10.32 14.75 -24.90
CA GLU B 50 -9.86 14.57 -26.26
C GLU B 50 -10.04 13.17 -26.88
N ALA B 51 -10.01 12.13 -26.06
CA ALA B 51 -10.14 10.78 -26.58
C ALA B 51 -10.65 9.78 -25.55
N ALA B 52 -10.95 8.57 -26.00
CA ALA B 52 -11.45 7.53 -25.12
C ALA B 52 -11.16 6.22 -25.79
N ILE B 53 -11.15 5.15 -24.99
CA ILE B 53 -10.88 3.81 -25.50
C ILE B 53 -11.83 2.82 -24.81
N PHE B 54 -12.37 1.88 -25.57
CA PHE B 54 -13.31 0.90 -25.02
C PHE B 54 -12.53 -0.30 -24.44
N LEU B 55 -12.91 -0.78 -23.26
CA LEU B 55 -12.25 -1.94 -22.66
C LEU B 55 -13.25 -3.04 -22.29
N PRO B 56 -12.78 -4.28 -22.13
CA PRO B 56 -13.67 -5.39 -21.78
C PRO B 56 -14.28 -5.26 -20.39
N THR B 57 -13.53 -4.66 -19.46
CA THR B 57 -13.98 -4.48 -18.08
C THR B 57 -13.43 -3.19 -17.43
N GLY B 58 -14.06 -2.79 -16.32
CA GLY B 58 -13.64 -1.61 -15.58
C GLY B 58 -12.31 -1.91 -14.91
N THR B 59 -12.11 -3.18 -14.57
CA THR B 59 -10.85 -3.59 -13.97
C THR B 59 -9.73 -3.35 -15.00
N GLN B 60 -9.94 -3.76 -16.25
CA GLN B 60 -8.88 -3.51 -17.21
C GLN B 60 -8.79 -1.99 -17.48
N ALA B 61 -9.92 -1.27 -17.34
CA ALA B 61 -9.91 0.17 -17.56
C ALA B 61 -8.98 0.86 -16.55
N ASN B 62 -9.04 0.42 -15.30
CA ASN B 62 -8.18 0.98 -14.28
C ASN B 62 -6.73 0.52 -14.41
N LEU B 63 -6.52 -0.77 -14.64
CA LEU B 63 -5.18 -1.34 -14.78
C LEU B 63 -4.44 -0.56 -15.84
N VAL B 64 -5.12 -0.38 -16.98
CA VAL B 64 -4.59 0.39 -18.09
C VAL B 64 -4.37 1.87 -17.74
N ALA B 65 -5.30 2.48 -17.01
CA ALA B 65 -5.17 3.87 -16.62
C ALA B 65 -3.94 4.07 -15.74
N LEU B 66 -3.75 3.13 -14.80
CA LEU B 66 -2.63 3.20 -13.88
C LEU B 66 -1.32 3.02 -14.66
N LEU B 67 -1.26 2.01 -15.53
CA LEU B 67 -0.06 1.78 -16.35
C LEU B 67 0.25 3.02 -17.21
N SER B 68 -0.79 3.64 -17.76
CA SER B 68 -0.62 4.82 -18.60
C SER B 68 -0.11 6.05 -17.85
N HIS B 69 -0.48 6.18 -16.58
CA HIS B 69 -0.06 7.31 -15.76
C HIS B 69 1.30 7.13 -15.07
N CYS B 70 1.54 5.91 -14.59
CA CYS B 70 2.75 5.63 -13.82
C CYS B 70 3.74 4.67 -14.46
N GLU B 71 4.99 5.10 -14.55
CA GLU B 71 6.03 4.25 -15.08
C GLU B 71 6.56 3.35 -13.94
N ARG B 72 7.44 2.44 -14.27
CA ARG B 72 8.01 1.54 -13.27
C ARG B 72 8.60 2.39 -12.14
N GLY B 73 8.28 2.06 -10.88
CA GLY B 73 8.82 2.82 -9.76
C GLY B 73 8.04 4.03 -9.30
N GLU B 74 7.02 4.44 -10.06
CA GLU B 74 6.22 5.57 -9.65
C GLU B 74 5.13 5.04 -8.73
N GLU B 75 4.39 5.96 -8.13
CA GLU B 75 3.40 5.58 -7.14
C GLU B 75 2.06 6.29 -7.29
N TYR B 76 1.00 5.65 -6.81
CA TYR B 76 -0.30 6.28 -6.85
C TYR B 76 -0.91 6.26 -5.45
N ILE B 77 -1.41 7.42 -5.02
CA ILE B 77 -2.05 7.51 -3.72
C ILE B 77 -3.50 7.13 -4.00
N VAL B 78 -4.04 6.25 -3.18
CA VAL B 78 -5.36 5.72 -3.43
C VAL B 78 -6.02 5.32 -2.12
N GLY B 79 -7.30 4.95 -2.18
CA GLY B 79 -8.00 4.54 -0.97
C GLY B 79 -7.74 3.09 -0.56
N GLN B 80 -7.68 2.82 0.74
CA GLN B 80 -7.45 1.48 1.24
C GLN B 80 -8.56 0.55 0.78
N ALA B 81 -9.71 1.14 0.47
CA ALA B 81 -10.89 0.38 0.05
C ALA B 81 -11.30 0.65 -1.39
N ALA B 82 -10.46 1.38 -2.12
CA ALA B 82 -10.72 1.72 -3.51
C ALA B 82 -10.61 0.48 -4.40
N HIS B 83 -11.44 0.42 -5.42
CA HIS B 83 -11.42 -0.73 -6.28
C HIS B 83 -10.07 -1.02 -6.96
N ASN B 84 -9.40 0.00 -7.50
CA ASN B 84 -8.12 -0.25 -8.17
C ASN B 84 -6.92 -0.41 -7.21
N TYR B 85 -7.20 -0.53 -5.91
CA TYR B 85 -6.13 -0.84 -4.98
C TYR B 85 -6.47 -2.19 -4.35
N LEU B 86 -7.70 -2.31 -3.85
CA LEU B 86 -8.18 -3.50 -3.16
C LEU B 86 -8.85 -4.62 -3.95
N PHE B 87 -9.66 -4.29 -4.95
CA PHE B 87 -10.41 -5.31 -5.67
C PHE B 87 -9.93 -5.76 -7.05
N GLU B 88 -8.73 -5.34 -7.44
CA GLU B 88 -8.17 -5.72 -8.72
C GLU B 88 -6.90 -6.56 -8.54
N ALA B 89 -6.88 -7.31 -7.44
CA ALA B 89 -5.83 -8.24 -7.06
C ALA B 89 -4.38 -7.77 -7.02
N GLY B 90 -4.18 -6.48 -6.78
CA GLY B 90 -2.84 -5.94 -6.71
C GLY B 90 -2.24 -5.73 -8.08
N GLY B 91 -3.10 -5.77 -9.10
CA GLY B 91 -2.63 -5.60 -10.46
C GLY B 91 -1.65 -4.47 -10.74
N ALA B 92 -1.90 -3.29 -10.17
CA ALA B 92 -0.99 -2.18 -10.43
C ALA B 92 0.42 -2.50 -9.97
N ALA B 93 0.54 -3.17 -8.82
CA ALA B 93 1.85 -3.53 -8.30
C ALA B 93 2.36 -4.80 -8.96
N VAL B 94 1.52 -5.82 -8.97
CA VAL B 94 1.89 -7.11 -9.50
C VAL B 94 2.28 -7.13 -10.96
N LEU B 95 1.44 -6.59 -11.82
CA LEU B 95 1.75 -6.56 -13.23
C LEU B 95 2.45 -5.27 -13.70
N GLY B 96 2.10 -4.14 -13.09
CA GLY B 96 2.64 -2.86 -13.55
C GLY B 96 3.87 -2.28 -12.91
N SER B 97 4.39 -2.95 -11.88
CA SER B 97 5.55 -2.49 -11.16
C SER B 97 5.35 -1.05 -10.65
N ILE B 98 4.12 -0.79 -10.18
CA ILE B 98 3.76 0.50 -9.60
C ILE B 98 3.53 0.34 -8.08
N GLN B 99 4.11 1.23 -7.29
CA GLN B 99 3.95 1.21 -5.85
C GLN B 99 2.62 1.86 -5.42
N PRO B 100 1.77 1.10 -4.72
CA PRO B 100 0.50 1.70 -4.27
C PRO B 100 0.72 2.30 -2.88
N GLN B 101 0.11 3.45 -2.64
CA GLN B 101 0.19 4.11 -1.34
C GLN B 101 -1.27 4.31 -0.93
N PRO B 102 -1.86 3.32 -0.30
CA PRO B 102 -3.26 3.47 0.11
C PRO B 102 -3.40 4.17 1.46
N ILE B 103 -4.51 4.91 1.61
CA ILE B 103 -4.84 5.60 2.85
C ILE B 103 -6.34 5.49 3.06
N ASP B 104 -6.78 5.62 4.31
CA ASP B 104 -8.20 5.51 4.60
C ASP B 104 -8.98 6.72 4.13
N ALA B 105 -10.11 6.44 3.50
CA ALA B 105 -11.00 7.48 3.01
C ALA B 105 -11.76 8.07 4.23
N ALA B 106 -12.28 9.28 4.08
CA ALA B 106 -13.06 9.88 5.14
C ALA B 106 -14.44 9.23 5.01
N ALA B 107 -15.30 9.51 5.98
CA ALA B 107 -16.64 8.93 5.98
C ALA B 107 -17.45 9.36 4.78
N ASP B 108 -17.11 10.49 4.17
CA ASP B 108 -17.84 10.95 3.00
C ASP B 108 -17.30 10.36 1.70
N GLY B 109 -16.28 9.50 1.79
CA GLY B 109 -15.75 8.88 0.59
C GLY B 109 -14.56 9.57 -0.06
N THR B 110 -14.17 10.74 0.46
CA THR B 110 -13.05 11.47 -0.12
C THR B 110 -11.72 11.04 0.51
N LEU B 111 -10.62 11.39 -0.15
CA LEU B 111 -9.29 11.11 0.41
C LEU B 111 -8.83 12.43 1.00
N PRO B 112 -8.86 12.56 2.35
CA PRO B 112 -8.44 13.81 3.00
C PRO B 112 -7.15 14.35 2.41
N LEU B 113 -7.21 15.55 1.84
CA LEU B 113 -6.04 16.18 1.21
C LEU B 113 -4.85 16.41 2.15
N ASP B 114 -5.11 16.70 3.41
CA ASP B 114 -4.03 16.91 4.35
C ASP B 114 -3.30 15.57 4.46
N LYS B 115 -4.06 14.48 4.35
CA LYS B 115 -3.49 13.14 4.43
C LYS B 115 -2.77 12.77 3.13
N VAL B 116 -3.34 13.16 2.01
CA VAL B 116 -2.71 12.87 0.73
C VAL B 116 -1.36 13.61 0.75
N ALA B 117 -1.36 14.84 1.21
CA ALA B 117 -0.15 15.65 1.29
C ALA B 117 0.96 14.97 2.08
N MET B 118 0.62 14.34 3.20
CA MET B 118 1.66 13.69 3.99
C MET B 118 2.25 12.45 3.32
N LYS B 119 1.55 11.92 2.31
CA LYS B 119 2.01 10.75 1.59
C LYS B 119 2.80 11.07 0.29
N ILE B 120 2.88 12.34 -0.08
CA ILE B 120 3.63 12.71 -1.28
C ILE B 120 5.11 12.62 -0.90
N LYS B 121 5.84 11.70 -1.56
CA LYS B 121 7.22 11.48 -1.21
C LYS B 121 8.23 12.52 -1.67
N PRO B 122 9.26 12.75 -0.86
CA PRO B 122 10.28 13.72 -1.23
C PRO B 122 11.02 13.11 -2.43
N ASP B 123 11.70 13.95 -3.20
CA ASP B 123 12.45 13.47 -4.35
C ASP B 123 13.79 12.97 -3.81
N ASP B 124 13.75 11.80 -3.18
CA ASP B 124 14.93 11.19 -2.57
C ASP B 124 14.95 9.71 -3.00
N ILE B 125 16.14 9.16 -3.20
CA ILE B 125 16.25 7.77 -3.66
C ILE B 125 15.70 6.68 -2.76
N HIS B 126 15.32 7.03 -1.53
CA HIS B 126 14.75 6.03 -0.63
C HIS B 126 13.26 5.78 -0.93
N PHE B 127 12.62 6.70 -1.64
CA PHE B 127 11.18 6.59 -1.91
C PHE B 127 10.74 6.37 -3.34
N ALA B 128 9.55 5.81 -3.47
CA ALA B 128 8.92 5.59 -4.74
C ALA B 128 8.60 7.02 -5.19
N ARG B 129 8.32 7.22 -6.46
CA ARG B 129 8.05 8.56 -6.97
C ARG B 129 6.55 8.81 -7.14
N THR B 130 6.00 9.63 -6.24
CA THR B 130 4.58 9.95 -6.25
C THR B 130 4.23 10.62 -7.58
N LYS B 131 3.21 10.08 -8.23
CA LYS B 131 2.81 10.56 -9.54
C LYS B 131 1.32 10.73 -9.73
N LEU B 132 0.54 9.84 -9.12
CA LEU B 132 -0.91 9.87 -9.30
C LEU B 132 -1.73 9.84 -8.03
N LEU B 133 -2.89 10.51 -8.08
CA LEU B 133 -3.87 10.50 -7.00
C LEU B 133 -5.09 9.87 -7.70
N SER B 134 -5.57 8.84 -7.18
CA SER B 134 -6.70 8.23 -7.66
C SER B 134 -7.93 8.24 -6.78
N LEU B 135 -8.99 8.68 -7.29
CA LEU B 135 -10.29 8.72 -6.67
C LEU B 135 -11.35 7.75 -7.14
N GLU B 136 -12.43 7.71 -6.47
CA GLU B 136 -13.51 6.82 -6.79
C GLU B 136 -14.92 7.47 -6.49
N ASN B 137 -15.64 7.80 -7.53
CA ASN B 137 -16.91 8.39 -7.53
C ASN B 137 -18.04 7.72 -8.33
N THR B 138 -18.94 7.10 -7.81
CA THR B 138 -19.25 6.86 -6.50
C THR B 138 -18.36 5.80 -5.85
N HIS B 139 -18.26 5.90 -4.55
CA HIS B 139 -17.55 5.06 -3.71
C HIS B 139 -18.51 4.47 -2.73
N ASN B 140 -18.78 3.24 -2.99
CA ASN B 140 -19.74 2.44 -2.34
C ASN B 140 -21.13 3.06 -2.26
N GLY B 141 -21.61 3.51 -3.38
CA GLY B 141 -22.67 4.38 -3.58
C GLY B 141 -22.54 5.85 -3.17
N LYS B 142 -21.56 6.17 -2.36
CA LYS B 142 -21.29 7.48 -1.89
C LYS B 142 -20.96 8.52 -2.98
N VAL B 143 -21.70 9.59 -3.03
CA VAL B 143 -21.42 10.65 -3.99
C VAL B 143 -20.44 11.62 -3.33
N LEU B 144 -19.26 11.79 -3.92
CA LEU B 144 -18.27 12.68 -3.35
C LEU B 144 -18.69 14.15 -3.51
N PRO B 145 -18.56 14.94 -2.44
CA PRO B 145 -18.92 16.36 -2.49
C PRO B 145 -18.21 17.01 -3.67
N ARG B 146 -18.92 17.86 -4.42
CA ARG B 146 -18.30 18.53 -5.55
C ARG B 146 -17.19 19.50 -5.14
N GLU B 147 -17.33 20.12 -3.98
CA GLU B 147 -16.31 21.06 -3.56
C GLU B 147 -14.97 20.34 -3.42
N TYR B 148 -15.02 19.10 -2.95
CA TYR B 148 -13.81 18.32 -2.78
C TYR B 148 -13.21 17.94 -4.13
N LEU B 149 -14.07 17.61 -5.09
CA LEU B 149 -13.60 17.23 -6.41
C LEU B 149 -12.78 18.36 -6.98
N LYS B 150 -13.27 19.58 -6.79
CA LYS B 150 -12.57 20.77 -7.26
C LYS B 150 -11.28 21.01 -6.49
N GLU B 151 -11.34 20.86 -5.17
CA GLU B 151 -10.17 21.06 -4.35
C GLU B 151 -9.07 20.03 -4.64
N ALA B 152 -9.48 18.79 -4.90
CA ALA B 152 -8.53 17.74 -5.19
C ALA B 152 -7.85 18.08 -6.49
N TRP B 153 -8.62 18.57 -7.45
CA TRP B 153 -8.09 18.97 -8.77
C TRP B 153 -7.05 20.11 -8.63
N GLU B 154 -7.38 21.12 -7.83
CA GLU B 154 -6.47 22.27 -7.61
C GLU B 154 -5.18 21.81 -6.93
N PHE B 155 -5.35 20.97 -5.92
CA PHE B 155 -4.24 20.46 -5.15
C PHE B 155 -3.26 19.66 -6.02
N THR B 156 -3.78 18.74 -6.85
CA THR B 156 -2.89 17.96 -7.71
C THR B 156 -2.10 18.83 -8.68
N ARG B 157 -2.72 19.88 -9.22
CA ARG B 157 -1.99 20.79 -10.09
C ARG B 157 -0.87 21.45 -9.29
N LYS B 158 -1.15 21.88 -8.06
CA LYS B 158 -0.12 22.52 -7.23
C LYS B 158 1.03 21.58 -6.97
N ARG B 159 0.74 20.28 -6.87
CA ARG B 159 1.77 19.31 -6.58
C ARG B 159 2.31 18.58 -7.80
N ASN B 160 1.88 19.03 -8.98
CA ASN B 160 2.29 18.44 -10.24
C ASN B 160 2.05 16.93 -10.22
N LEU B 161 0.84 16.53 -9.84
CA LEU B 161 0.45 15.14 -9.80
C LEU B 161 -0.76 15.01 -10.71
N ALA B 162 -0.90 13.88 -11.40
CA ALA B 162 -2.06 13.67 -12.27
C ALA B 162 -3.20 13.21 -11.39
N LEU B 163 -4.43 13.27 -11.91
CA LEU B 163 -5.59 12.86 -11.14
C LEU B 163 -6.52 11.97 -11.96
N HIS B 164 -6.76 10.78 -11.43
CA HIS B 164 -7.61 9.81 -12.07
C HIS B 164 -8.82 9.51 -11.21
N VAL B 165 -9.96 9.35 -11.87
CA VAL B 165 -11.19 9.02 -11.17
C VAL B 165 -11.75 7.70 -11.67
N ASP B 166 -11.90 6.73 -10.78
CA ASP B 166 -12.52 5.45 -11.16
C ASP B 166 -14.01 5.78 -11.19
N GLY B 167 -14.55 5.96 -12.38
CA GLY B 167 -15.95 6.33 -12.49
C GLY B 167 -16.89 5.19 -12.84
N ALA B 168 -16.64 4.02 -12.26
CA ALA B 168 -17.51 2.87 -12.53
C ALA B 168 -18.98 3.30 -12.39
N ARG B 169 -19.28 4.14 -11.41
CA ARG B 169 -20.65 4.60 -11.21
C ARG B 169 -20.72 6.12 -11.25
N ILE B 170 -20.02 6.71 -12.22
CA ILE B 170 -19.98 8.15 -12.32
C ILE B 170 -21.32 8.75 -12.74
N PHE B 171 -22.09 8.02 -13.54
CA PHE B 171 -23.38 8.57 -13.94
C PHE B 171 -24.40 8.57 -12.80
N ASN B 172 -24.20 7.72 -11.79
CA ASN B 172 -25.10 7.72 -10.64
C ASN B 172 -24.82 9.04 -9.89
N ALA B 173 -23.55 9.39 -9.75
CA ALA B 173 -23.17 10.64 -9.08
C ALA B 173 -23.70 11.84 -9.87
N VAL B 174 -23.52 11.78 -11.19
CA VAL B 174 -23.97 12.83 -12.10
C VAL B 174 -25.46 13.10 -11.89
N VAL B 175 -26.26 12.04 -11.87
CA VAL B 175 -27.68 12.21 -11.67
C VAL B 175 -27.94 12.84 -10.32
N ALA B 176 -27.26 12.36 -9.29
CA ALA B 176 -27.43 12.90 -7.94
C ALA B 176 -26.99 14.36 -7.82
N TYR B 177 -25.98 14.79 -8.59
CA TYR B 177 -25.55 16.19 -8.55
C TYR B 177 -26.55 17.04 -9.32
N GLY B 178 -27.14 16.44 -10.35
CA GLY B 178 -28.09 17.15 -11.17
C GLY B 178 -27.35 18.03 -12.16
N CYS B 179 -26.08 17.73 -12.43
CA CYS B 179 -25.30 18.54 -13.37
C CYS B 179 -24.91 17.76 -14.62
N GLU B 180 -24.12 18.37 -15.51
CA GLU B 180 -23.66 17.69 -16.71
C GLU B 180 -22.39 16.91 -16.36
N LEU B 181 -22.13 15.80 -17.05
CA LEU B 181 -20.93 14.98 -16.79
C LEU B 181 -19.66 15.82 -16.85
N LYS B 182 -19.62 16.73 -17.82
CA LYS B 182 -18.48 17.60 -18.05
C LYS B 182 -18.12 18.49 -16.87
N GLU B 183 -19.11 18.83 -16.06
CA GLU B 183 -18.85 19.67 -14.91
C GLU B 183 -18.13 18.93 -13.81
N ILE B 184 -18.02 17.61 -13.92
CA ILE B 184 -17.29 16.89 -12.90
C ILE B 184 -16.01 16.27 -13.50
N THR B 185 -16.03 15.96 -14.80
CA THR B 185 -14.83 15.38 -15.39
C THR B 185 -13.78 16.41 -15.74
N GLN B 186 -14.11 17.69 -15.55
CA GLN B 186 -13.13 18.74 -15.81
C GLN B 186 -12.13 18.71 -14.66
N TYR B 187 -12.53 18.12 -13.53
CA TYR B 187 -11.65 18.04 -12.35
C TYR B 187 -10.80 16.78 -12.27
N CYS B 188 -10.44 16.22 -13.41
CA CYS B 188 -9.60 15.03 -13.45
C CYS B 188 -8.86 15.02 -14.78
N ASP B 189 -7.79 14.25 -14.86
CA ASP B 189 -7.02 14.14 -16.10
C ASP B 189 -7.55 12.96 -16.92
N SER B 190 -8.03 11.95 -16.21
CA SER B 190 -8.59 10.77 -16.84
C SER B 190 -9.66 10.21 -15.92
N PHE B 191 -10.56 9.42 -16.50
CA PHE B 191 -11.58 8.78 -15.71
C PHE B 191 -12.14 7.57 -16.47
N THR B 192 -12.80 6.69 -15.73
CA THR B 192 -13.38 5.49 -16.33
C THR B 192 -14.90 5.60 -16.28
N ILE B 193 -15.55 4.81 -17.13
CA ILE B 193 -17.00 4.74 -17.19
C ILE B 193 -17.37 3.26 -17.39
N CYS B 194 -18.10 2.68 -16.45
CA CYS B 194 -18.55 1.30 -16.66
C CYS B 194 -19.92 1.39 -17.33
N LEU B 195 -20.13 0.58 -18.35
CA LEU B 195 -21.40 0.58 -19.06
C LEU B 195 -22.20 -0.63 -18.60
N SER B 196 -21.50 -1.61 -18.03
CA SER B 196 -22.10 -2.87 -17.61
C SER B 196 -22.73 -2.94 -16.23
N LYS B 197 -22.94 -1.81 -15.57
CA LYS B 197 -23.57 -1.84 -14.27
C LYS B 197 -24.96 -1.20 -14.38
N GLY B 198 -25.14 -0.02 -13.79
CA GLY B 198 -26.43 0.65 -13.86
C GLY B 198 -26.85 1.07 -15.25
N LEU B 199 -25.87 1.24 -16.14
CA LEU B 199 -26.19 1.64 -17.50
C LEU B 199 -26.77 0.46 -18.29
N GLY B 200 -26.65 -0.74 -17.74
CA GLY B 200 -27.26 -1.91 -18.35
C GLY B 200 -26.61 -2.71 -19.45
N THR B 201 -25.36 -2.41 -19.78
CA THR B 201 -24.63 -3.13 -20.82
C THR B 201 -24.20 -4.53 -20.33
N PRO B 202 -23.96 -5.46 -21.28
CA PRO B 202 -23.53 -6.83 -20.96
C PRO B 202 -22.06 -6.89 -20.57
N VAL B 203 -21.24 -6.09 -21.26
CA VAL B 203 -19.80 -6.04 -20.97
C VAL B 203 -19.27 -4.67 -21.42
N GLY B 204 -18.17 -4.23 -20.82
CA GLY B 204 -17.61 -2.98 -21.29
C GLY B 204 -17.45 -1.81 -20.36
N SER B 205 -16.38 -1.06 -20.60
CA SER B 205 -16.04 0.11 -19.81
C SER B 205 -15.25 1.03 -20.74
N LEU B 206 -15.09 2.29 -20.35
CA LEU B 206 -14.37 3.25 -21.17
C LEU B 206 -13.33 3.97 -20.35
N LEU B 207 -12.20 4.31 -20.95
CA LEU B 207 -11.18 5.08 -20.24
C LEU B 207 -11.13 6.34 -21.08
N VAL B 208 -11.19 7.49 -20.42
CA VAL B 208 -11.23 8.76 -21.12
C VAL B 208 -10.14 9.73 -20.66
N GLY B 209 -9.58 10.49 -21.59
CA GLY B 209 -8.53 11.43 -21.20
C GLY B 209 -7.91 12.19 -22.37
N ASN B 210 -6.67 12.62 -22.17
CA ASN B 210 -5.95 13.37 -23.19
C ASN B 210 -5.48 12.45 -24.33
N ARG B 211 -5.46 12.97 -25.55
CA ARG B 211 -5.06 12.19 -26.71
C ARG B 211 -3.79 11.36 -26.52
N ASP B 212 -2.73 12.03 -26.09
CA ASP B 212 -1.45 11.35 -25.91
C ASP B 212 -1.56 10.26 -24.85
N TYR B 213 -2.28 10.56 -23.79
CA TYR B 213 -2.48 9.62 -22.71
C TYR B 213 -3.18 8.39 -23.26
N ILE B 214 -4.31 8.61 -23.92
CA ILE B 214 -5.06 7.50 -24.48
C ILE B 214 -4.22 6.70 -25.47
N LYS B 215 -3.34 7.35 -26.18
CA LYS B 215 -2.50 6.61 -27.14
C LYS B 215 -1.66 5.59 -26.39
N ARG B 216 -1.11 5.96 -25.24
CA ARG B 216 -0.33 5.01 -24.46
C ARG B 216 -1.27 3.93 -23.96
N ALA B 217 -2.47 4.35 -23.57
CA ALA B 217 -3.46 3.41 -23.07
C ALA B 217 -3.71 2.31 -24.10
N ILE B 218 -3.66 2.63 -25.39
CA ILE B 218 -3.90 1.62 -26.44
C ILE B 218 -2.81 0.55 -26.40
N ARG B 219 -1.58 0.97 -26.13
CA ARG B 219 -0.45 0.05 -26.02
C ARG B 219 -0.73 -0.92 -24.87
N TRP B 220 -1.03 -0.38 -23.69
CA TRP B 220 -1.31 -1.18 -22.52
C TRP B 220 -2.54 -2.06 -22.68
N ARG B 221 -3.57 -1.58 -23.36
CA ARG B 221 -4.76 -2.41 -23.56
C ARG B 221 -4.38 -3.66 -24.39
N LYS B 222 -3.51 -3.46 -25.38
CA LYS B 222 -3.10 -4.56 -26.24
C LYS B 222 -2.32 -5.61 -25.42
N MET B 223 -1.35 -5.14 -24.64
CA MET B 223 -0.55 -6.05 -23.85
C MET B 223 -1.38 -6.82 -22.81
N THR B 224 -2.31 -6.15 -22.15
CA THR B 224 -3.15 -6.77 -21.13
C THR B 224 -4.24 -7.70 -21.69
N GLY B 225 -4.40 -7.70 -23.01
CA GLY B 225 -5.36 -8.60 -23.64
C GLY B 225 -6.75 -8.07 -23.93
N GLY B 226 -6.88 -6.74 -24.01
CA GLY B 226 -8.18 -6.15 -24.27
C GLY B 226 -8.41 -5.60 -25.66
N GLY B 227 -7.49 -5.85 -26.58
CA GLY B 227 -7.64 -5.37 -27.94
C GLY B 227 -8.47 -6.34 -28.76
N MET B 228 -9.79 -6.19 -28.71
CA MET B 228 -10.69 -7.07 -29.44
C MET B 228 -10.87 -6.69 -30.92
N ARG B 229 -11.60 -7.53 -31.64
CA ARG B 229 -11.87 -7.33 -33.06
C ARG B 229 -13.17 -6.56 -33.33
N GLN B 230 -14.22 -7.29 -33.71
CA GLN B 230 -15.50 -6.64 -33.99
C GLN B 230 -16.24 -6.31 -32.70
N SER B 231 -15.61 -5.52 -31.83
CA SER B 231 -16.22 -5.12 -30.56
C SER B 231 -17.31 -4.06 -30.73
N GLY B 232 -17.66 -3.75 -31.97
CA GLY B 232 -18.72 -2.78 -32.22
C GLY B 232 -20.03 -3.37 -31.72
N ILE B 233 -20.13 -4.70 -31.75
CA ILE B 233 -21.33 -5.36 -31.26
C ILE B 233 -21.57 -5.01 -29.79
N LEU B 234 -20.49 -4.85 -29.02
CA LEU B 234 -20.60 -4.51 -27.60
C LEU B 234 -20.73 -3.00 -27.40
N ALA B 235 -19.97 -2.24 -28.17
CA ALA B 235 -20.00 -0.78 -28.05
C ALA B 235 -21.36 -0.22 -28.43
N ALA B 236 -22.07 -0.94 -29.30
CA ALA B 236 -23.40 -0.51 -29.74
C ALA B 236 -24.30 -0.39 -28.52
N ALA B 237 -24.18 -1.36 -27.61
CA ALA B 237 -25.01 -1.38 -26.40
C ALA B 237 -24.68 -0.18 -25.52
N GLY B 238 -23.41 0.18 -25.46
CA GLY B 238 -22.98 1.32 -24.66
C GLY B 238 -23.62 2.62 -25.14
N MET B 239 -23.64 2.82 -26.45
CA MET B 239 -24.24 4.02 -27.00
C MET B 239 -25.72 4.05 -26.65
N TYR B 240 -26.39 2.89 -26.80
CA TYR B 240 -27.80 2.80 -26.46
C TYR B 240 -27.97 3.14 -24.99
N ALA B 241 -27.10 2.60 -24.15
CA ALA B 241 -27.15 2.86 -22.72
C ALA B 241 -26.99 4.33 -22.38
N LEU B 242 -25.96 4.96 -22.95
CA LEU B 242 -25.71 6.38 -22.70
C LEU B 242 -26.81 7.31 -23.22
N LYS B 243 -27.55 6.87 -24.23
CA LYS B 243 -28.60 7.72 -24.76
C LYS B 243 -29.96 7.39 -24.20
N ASN B 244 -30.07 6.29 -23.47
CA ASN B 244 -31.39 5.90 -22.95
C ASN B 244 -31.49 5.48 -21.50
N ASN B 245 -30.37 5.17 -20.88
CA ASN B 245 -30.39 4.67 -19.51
C ASN B 245 -29.76 5.51 -18.42
N VAL B 246 -29.43 6.75 -18.73
CA VAL B 246 -28.83 7.61 -17.74
C VAL B 246 -29.88 8.20 -16.79
N ALA B 247 -30.90 8.82 -17.36
CA ALA B 247 -31.90 9.46 -16.52
C ALA B 247 -32.67 8.56 -15.57
N ARG B 248 -32.94 7.32 -15.95
CA ARG B 248 -33.71 6.42 -15.08
C ARG B 248 -32.90 5.88 -13.90
N LEU B 249 -31.65 6.30 -13.75
CA LEU B 249 -30.84 5.88 -12.62
C LEU B 249 -31.53 6.51 -11.41
N GLN B 250 -32.21 7.63 -11.65
CA GLN B 250 -32.94 8.29 -10.58
C GLN B 250 -33.99 7.32 -10.01
N GLU B 251 -34.52 6.45 -10.86
CA GLU B 251 -35.50 5.49 -10.37
C GLU B 251 -34.80 4.50 -9.44
N ASP B 252 -33.58 4.11 -9.78
CA ASP B 252 -32.85 3.19 -8.91
C ASP B 252 -32.67 3.90 -7.56
N HIS B 253 -32.28 5.17 -7.58
CA HIS B 253 -32.07 5.91 -6.35
C HIS B 253 -33.34 6.04 -5.50
N ASP B 254 -34.46 6.40 -6.13
CA ASP B 254 -35.71 6.53 -5.41
C ASP B 254 -36.08 5.16 -4.85
N ASN B 255 -35.83 4.10 -5.63
CA ASN B 255 -36.16 2.75 -5.18
C ASN B 255 -35.33 2.37 -3.95
N THR B 256 -34.06 2.75 -3.93
CA THR B 256 -33.20 2.43 -2.79
C THR B 256 -33.67 3.19 -1.55
N ALA B 257 -33.98 4.46 -1.75
CA ALA B 257 -34.47 5.34 -0.69
C ALA B 257 -35.78 4.78 -0.12
N TRP B 258 -36.59 4.21 -0.99
CA TRP B 258 -37.87 3.62 -0.61
C TRP B 258 -37.67 2.34 0.19
N MET B 259 -36.79 1.47 -0.31
CA MET B 259 -36.50 0.22 0.34
C MET B 259 -35.91 0.43 1.73
N ALA B 260 -35.05 1.43 1.88
CA ALA B 260 -34.45 1.71 3.18
C ALA B 260 -35.57 1.95 4.19
N GLU B 261 -36.53 2.79 3.81
CA GLU B 261 -37.65 3.11 4.67
C GLU B 261 -38.47 1.85 4.97
N GLN B 262 -38.60 0.97 3.97
CA GLN B 262 -39.34 -0.29 4.13
C GLN B 262 -38.65 -1.20 5.14
N LEU B 263 -37.42 -1.60 4.82
CA LEU B 263 -36.66 -2.48 5.69
C LEU B 263 -36.61 -1.86 7.08
N ARG B 264 -36.59 -0.54 7.12
CA ARG B 264 -36.57 0.15 8.38
C ARG B 264 -37.84 -0.29 9.12
N GLU B 265 -38.99 -0.02 8.50
CA GLU B 265 -40.28 -0.37 9.08
C GLU B 265 -40.55 -1.88 8.94
N ALA B 266 -39.53 -2.69 9.19
CA ALA B 266 -39.65 -4.13 9.10
C ALA B 266 -38.76 -4.80 10.13
N GLY B 267 -38.06 -3.98 10.92
CA GLY B 267 -37.18 -4.51 11.93
C GLY B 267 -35.72 -4.52 11.53
N ALA B 268 -35.44 -4.17 10.28
CA ALA B 268 -34.07 -4.15 9.78
C ALA B 268 -33.28 -2.94 10.24
N ASP B 269 -31.96 -3.11 10.32
CA ASP B 269 -31.05 -2.04 10.75
C ASP B 269 -30.31 -1.46 9.54
N VAL B 270 -30.85 -0.40 8.98
CA VAL B 270 -30.24 0.24 7.82
C VAL B 270 -29.14 1.16 8.29
N MET B 271 -27.90 0.79 8.06
CA MET B 271 -26.77 1.61 8.46
C MET B 271 -26.72 2.89 7.63
N ARG B 272 -26.90 2.77 6.32
CA ARG B 272 -26.86 3.94 5.46
C ARG B 272 -27.38 3.63 4.06
N GLN B 273 -27.72 4.69 3.34
CA GLN B 273 -28.25 4.57 1.99
C GLN B 273 -27.65 5.68 1.15
N ASP B 274 -27.11 5.31 -0.01
CA ASP B 274 -26.51 6.28 -0.93
C ASP B 274 -26.82 5.80 -2.35
N THR B 275 -27.23 6.72 -3.22
CA THR B 275 -27.60 6.39 -4.59
C THR B 275 -28.29 5.01 -4.67
N ASN B 276 -27.75 4.09 -5.46
CA ASN B 276 -28.41 2.78 -5.61
C ASN B 276 -27.95 1.70 -4.64
N MET B 277 -27.37 2.12 -3.53
CA MET B 277 -26.89 1.18 -2.53
C MET B 277 -27.45 1.43 -1.14
N LEU B 278 -27.74 0.33 -0.47
CA LEU B 278 -28.31 0.29 0.88
C LEU B 278 -27.48 -0.72 1.68
N PHE B 279 -27.08 -0.34 2.89
CA PHE B 279 -26.29 -1.23 3.74
C PHE B 279 -27.02 -1.59 5.02
N VAL B 280 -27.23 -2.88 5.23
CA VAL B 280 -27.96 -3.34 6.39
C VAL B 280 -27.11 -4.23 7.29
N ARG B 281 -27.05 -3.90 8.58
CA ARG B 281 -26.29 -4.70 9.53
C ARG B 281 -27.19 -5.85 9.98
N VAL B 282 -26.93 -7.03 9.44
CA VAL B 282 -27.71 -8.21 9.78
C VAL B 282 -27.05 -8.98 10.94
N GLY B 283 -25.72 -8.95 10.98
CA GLY B 283 -25.03 -9.64 12.05
C GLY B 283 -24.56 -11.04 11.72
N GLU B 284 -23.49 -11.46 12.39
CA GLU B 284 -22.89 -12.78 12.20
C GLU B 284 -23.88 -13.93 12.17
N GLU B 285 -24.73 -14.00 13.19
CA GLU B 285 -25.71 -15.08 13.30
C GLU B 285 -26.62 -15.27 12.08
N ASN B 286 -27.49 -14.30 11.83
CA ASN B 286 -28.43 -14.37 10.72
C ASN B 286 -27.85 -14.21 9.33
N ALA B 287 -26.58 -13.84 9.24
CA ALA B 287 -25.94 -13.64 7.95
C ALA B 287 -26.17 -14.80 6.97
N ALA B 288 -25.67 -15.98 7.30
CA ALA B 288 -25.84 -17.13 6.40
C ALA B 288 -27.29 -17.60 6.33
N ALA B 289 -28.02 -17.45 7.43
CA ALA B 289 -29.42 -17.87 7.48
C ALA B 289 -30.25 -17.06 6.49
N LEU B 290 -30.03 -15.74 6.49
CA LEU B 290 -30.75 -14.84 5.61
C LEU B 290 -30.41 -15.15 4.15
N GLY B 291 -29.14 -15.41 3.89
CA GLY B 291 -28.71 -15.72 2.54
C GLY B 291 -29.51 -16.86 1.93
N GLU B 292 -29.53 -18.00 2.61
CA GLU B 292 -30.27 -19.17 2.14
C GLU B 292 -31.77 -18.88 2.14
N TYR B 293 -32.27 -18.27 3.21
CA TYR B 293 -33.69 -17.96 3.34
C TYR B 293 -34.21 -17.17 2.15
N MET B 294 -33.39 -16.27 1.61
CA MET B 294 -33.77 -15.45 0.47
C MET B 294 -33.67 -16.25 -0.82
N LYS B 295 -32.48 -16.78 -1.08
CA LYS B 295 -32.22 -17.57 -2.26
C LYS B 295 -33.32 -18.62 -2.45
N ALA B 296 -33.91 -19.06 -1.34
CA ALA B 296 -34.99 -20.04 -1.42
C ALA B 296 -36.19 -19.50 -2.17
N ARG B 297 -36.44 -18.19 -2.03
CA ARG B 297 -37.57 -17.57 -2.70
C ARG B 297 -37.15 -16.70 -3.88
N ASN B 298 -36.05 -17.08 -4.51
CA ASN B 298 -35.54 -16.37 -5.68
C ASN B 298 -35.10 -14.94 -5.43
N VAL B 299 -34.59 -14.67 -4.23
CA VAL B 299 -34.07 -13.36 -3.88
C VAL B 299 -32.60 -13.59 -3.62
N LEU B 300 -31.75 -12.97 -4.43
CA LEU B 300 -30.30 -13.14 -4.30
C LEU B 300 -29.58 -11.94 -3.69
N ILE B 301 -28.91 -12.17 -2.56
CA ILE B 301 -28.13 -11.13 -1.90
C ILE B 301 -26.77 -11.73 -1.55
N ASN B 302 -25.75 -10.89 -1.46
CA ASN B 302 -24.43 -11.40 -1.07
C ASN B 302 -24.48 -11.43 0.45
N ALA B 303 -24.89 -12.57 0.99
CA ALA B 303 -25.03 -12.77 2.43
C ALA B 303 -23.76 -12.37 3.17
N SER B 304 -23.95 -11.73 4.31
CA SER B 304 -22.84 -11.24 5.13
C SER B 304 -23.39 -10.51 6.35
N PRO B 305 -22.53 -10.25 7.35
CA PRO B 305 -22.99 -9.53 8.54
C PRO B 305 -23.59 -8.17 8.17
N ILE B 306 -22.96 -7.49 7.22
CA ILE B 306 -23.45 -6.21 6.73
C ILE B 306 -23.75 -6.45 5.27
N VAL B 307 -25.03 -6.57 4.95
CA VAL B 307 -25.44 -6.82 3.58
C VAL B 307 -25.51 -5.56 2.73
N ARG B 308 -24.97 -5.65 1.51
CA ARG B 308 -25.02 -4.52 0.59
C ARG B 308 -26.07 -4.82 -0.47
N LEU B 309 -27.17 -4.06 -0.46
CA LEU B 309 -28.22 -4.23 -1.46
C LEU B 309 -28.00 -3.19 -2.53
N VAL B 310 -28.05 -3.60 -3.79
CA VAL B 310 -27.82 -2.68 -4.90
C VAL B 310 -28.99 -2.73 -5.88
N THR B 311 -29.68 -1.61 -6.07
CA THR B 311 -30.81 -1.60 -6.99
C THR B 311 -30.33 -1.27 -8.40
N HIS B 312 -31.16 -1.59 -9.38
CA HIS B 312 -30.81 -1.38 -10.79
C HIS B 312 -32.03 -1.65 -11.66
N LEU B 313 -31.88 -1.45 -12.97
CA LEU B 313 -32.98 -1.63 -13.91
C LEU B 313 -33.66 -2.99 -13.95
N ASP B 314 -33.06 -4.03 -13.40
CA ASP B 314 -33.75 -5.30 -13.42
C ASP B 314 -34.45 -5.61 -12.12
N VAL B 315 -34.64 -4.58 -11.29
CA VAL B 315 -35.39 -4.77 -10.06
C VAL B 315 -36.42 -3.65 -9.98
N SER B 316 -37.70 -4.04 -9.88
CA SER B 316 -38.78 -3.06 -9.81
C SER B 316 -39.12 -2.79 -8.37
N ARG B 317 -39.96 -1.80 -8.11
CA ARG B 317 -40.33 -1.52 -6.74
C ARG B 317 -41.21 -2.62 -6.17
N ALA B 318 -42.13 -3.13 -6.97
CA ALA B 318 -43.00 -4.22 -6.52
C ALA B 318 -42.10 -5.35 -6.07
N GLN B 319 -41.04 -5.61 -6.83
CA GLN B 319 -40.10 -6.66 -6.45
C GLN B 319 -39.40 -6.33 -5.13
N LEU B 320 -39.14 -5.05 -4.88
CA LEU B 320 -38.51 -4.64 -3.63
C LEU B 320 -39.49 -4.82 -2.48
N ALA B 321 -40.76 -4.60 -2.77
CA ALA B 321 -41.82 -4.77 -1.78
C ALA B 321 -41.80 -6.23 -1.34
N GLU B 322 -41.83 -7.13 -2.31
CA GLU B 322 -41.83 -8.56 -2.02
C GLU B 322 -40.59 -8.95 -1.22
N VAL B 323 -39.44 -8.39 -1.55
CA VAL B 323 -38.22 -8.72 -0.80
C VAL B 323 -38.34 -8.16 0.60
N ALA B 324 -38.99 -7.00 0.72
CA ALA B 324 -39.17 -6.35 2.01
C ALA B 324 -40.10 -7.18 2.89
N ALA B 325 -41.10 -7.78 2.27
CA ALA B 325 -42.04 -8.63 2.98
C ALA B 325 -41.26 -9.82 3.54
N HIS B 326 -40.51 -10.48 2.65
CA HIS B 326 -39.70 -11.64 3.02
C HIS B 326 -38.73 -11.36 4.15
N TRP B 327 -38.18 -10.14 4.17
CA TRP B 327 -37.23 -9.74 5.19
C TRP B 327 -37.96 -9.45 6.50
N ARG B 328 -39.19 -8.95 6.38
CA ARG B 328 -39.99 -8.64 7.56
C ARG B 328 -40.55 -9.94 8.15
N ALA B 329 -40.63 -10.97 7.30
CA ALA B 329 -41.13 -12.27 7.73
C ALA B 329 -39.98 -13.10 8.28
N PHE B 330 -38.78 -12.83 7.76
CA PHE B 330 -37.58 -13.53 8.20
C PHE B 330 -37.31 -13.21 9.67
N LEU B 331 -37.72 -12.02 10.10
CA LEU B 331 -37.50 -11.62 11.49
C LEU B 331 -38.62 -12.21 12.35
N ALA B 332 -38.73 -13.53 12.31
CA ALA B 332 -39.73 -14.27 13.07
C ALA B 332 -39.43 -15.76 12.98
#